data_7R0S
#
_entry.id   7R0S
#
_cell.length_a   78.933
_cell.length_b   92.135
_cell.length_c   102.462
_cell.angle_alpha   90.000
_cell.angle_beta   90.000
_cell.angle_gamma   90.000
#
_symmetry.space_group_name_H-M   'P 21 21 21'
#
loop_
_entity.id
_entity.type
_entity.pdbx_description
1 polymer AGAP001425-PA
2 non-polymer 4-hydroxy-3-methoxybenzaldehyde
3 non-polymer 'CHLORIDE ION'
4 non-polymer GLYCEROL
5 water water
#
_entity_poly.entity_id   1
_entity_poly.type   'polypeptide(L)'
_entity_poly.pdbx_seq_one_letter_code
;MGHHHHHHHHHHSSGHIEGRHMPFPYSIDFVESKQNEQLLKDFHGERTGFVQVGEKRWFFPSRFKQYAESLYSFEARPDD
TWIVTYPRSGTTWSQEMVWLLCNELDFETAKSIPLTQRFPFLEFHLFVHDEVKAEFLKENEHDVESMKFIEQLSQPAGFM
LAEMKTPRFIKTHLPISLLPPSVFEQKAKIIYVARNPSDVAVSYYHLNRLYRTQGYVGDFETFYNYFEKDLTPWSPYWEH
IKEGWAERDRENVLFMYYEDMKRNLPDTIRKTAAFLGKSFSDDQIDTMCTHLDIRNFRHNKSVTCEELKAVGILNSGEQG
FVRNGQVRGNAEEMTDDIKRRLNEWTERNLNGTDIRFPDC
;
_entity_poly.pdbx_strand_id   A,B
#
# COMPACT_ATOMS: atom_id res chain seq x y z
N PRO A 23 -17.10 6.04 36.07
CA PRO A 23 -17.68 4.68 35.91
C PRO A 23 -18.37 4.52 34.54
N PHE A 24 -17.89 3.63 33.67
CA PHE A 24 -18.48 3.52 32.30
C PHE A 24 -19.89 2.92 32.44
N PRO A 25 -20.96 3.66 32.09
CA PRO A 25 -22.32 3.21 32.38
C PRO A 25 -22.95 2.14 31.49
N TYR A 26 -22.31 1.70 30.40
CA TYR A 26 -22.99 0.82 29.41
C TYR A 26 -22.28 -0.53 29.36
N SER A 27 -23.05 -1.56 29.02
CA SER A 27 -22.55 -2.93 28.81
C SER A 27 -21.66 -2.95 27.57
N ILE A 28 -20.61 -3.74 27.65
CA ILE A 28 -19.67 -3.99 26.53
C ILE A 28 -19.62 -5.50 26.38
N ASP A 29 -20.11 -6.05 25.27
CA ASP A 29 -20.18 -7.53 25.07
C ASP A 29 -19.53 -7.85 23.73
N PHE A 30 -18.77 -8.94 23.69
CA PHE A 30 -18.22 -9.50 22.43
C PHE A 30 -19.40 -9.87 21.53
N VAL A 31 -19.30 -9.51 20.25
CA VAL A 31 -20.24 -9.94 19.19
C VAL A 31 -20.38 -11.47 19.28
N GLU A 32 -21.58 -11.99 19.09
CA GLU A 32 -21.87 -13.45 19.10
C GLU A 32 -20.78 -14.21 18.31
N SER A 33 -20.31 -15.32 18.87
CA SER A 33 -19.15 -16.17 18.42
C SER A 33 -19.07 -16.31 16.90
N LYS A 34 -20.10 -16.83 16.24
CA LYS A 34 -20.03 -17.16 14.78
C LYS A 34 -19.94 -15.89 13.93
N GLN A 35 -20.71 -14.86 14.24
CA GLN A 35 -20.63 -13.56 13.54
C GLN A 35 -19.23 -12.99 13.81
N ASN A 36 -18.70 -13.14 15.02
CA ASN A 36 -17.39 -12.57 15.40
C ASN A 36 -16.28 -13.25 14.59
N GLU A 37 -16.38 -14.56 14.44
CA GLU A 37 -15.44 -15.37 13.61
C GLU A 37 -15.45 -14.86 12.16
N GLN A 38 -16.62 -14.72 11.54
CA GLN A 38 -16.72 -14.21 10.14
C GLN A 38 -16.11 -12.80 10.05
N LEU A 39 -16.37 -11.93 11.00
CA LEU A 39 -15.86 -10.53 10.96
C LEU A 39 -14.32 -10.55 10.97
N LEU A 40 -13.70 -11.40 11.76
CA LEU A 40 -12.23 -11.59 11.84
C LEU A 40 -11.66 -12.12 10.51
N LYS A 41 -12.41 -12.90 9.73
CA LYS A 41 -11.99 -13.33 8.37
C LYS A 41 -11.98 -12.16 7.40
N ASP A 42 -12.92 -11.22 7.54
CA ASP A 42 -13.08 -10.11 6.56
C ASP A 42 -12.33 -8.84 7.00
N PHE A 43 -12.04 -8.65 8.28
CA PHE A 43 -11.40 -7.42 8.84
C PHE A 43 -10.09 -7.80 9.53
N HIS A 44 -8.99 -7.77 8.78
CA HIS A 44 -7.64 -8.22 9.23
C HIS A 44 -6.99 -7.21 10.16
N GLY A 45 -7.55 -6.01 10.33
CA GLY A 45 -7.02 -5.02 11.29
C GLY A 45 -7.37 -5.34 12.75
N GLU A 46 -8.28 -6.28 12.96
CA GLU A 46 -8.64 -6.73 14.31
C GLU A 46 -8.30 -8.21 14.42
N ARG A 47 -7.75 -8.65 15.55
CA ARG A 47 -7.25 -10.03 15.69
C ARG A 47 -7.82 -10.69 16.94
N THR A 48 -8.60 -9.99 17.79
CA THR A 48 -9.20 -10.57 19.02
C THR A 48 -10.71 -10.71 18.87
N GLY A 49 -11.42 -9.62 18.53
CA GLY A 49 -12.85 -9.65 18.20
C GLY A 49 -13.50 -8.28 18.27
N PHE A 50 -14.82 -8.23 18.06
CA PHE A 50 -15.59 -6.97 18.05
C PHE A 50 -16.58 -6.98 19.19
N VAL A 51 -16.89 -5.77 19.70
CA VAL A 51 -17.81 -5.58 20.84
C VAL A 51 -19.00 -4.76 20.36
N GLN A 52 -20.09 -4.90 21.09
CA GLN A 52 -21.33 -4.11 20.94
C GLN A 52 -21.62 -3.43 22.29
N VAL A 53 -21.88 -2.14 22.25
CA VAL A 53 -21.96 -1.30 23.47
C VAL A 53 -23.38 -0.85 23.72
N GLY A 54 -23.90 -1.17 24.91
CA GLY A 54 -25.19 -0.63 25.37
C GLY A 54 -26.35 -1.23 24.59
N GLU A 55 -27.52 -0.64 24.78
CA GLU A 55 -28.79 -1.12 24.18
C GLU A 55 -28.73 -0.91 22.65
N LYS A 56 -28.10 0.16 22.18
CA LYS A 56 -28.02 0.44 20.71
C LYS A 56 -26.95 -0.43 20.02
N ARG A 57 -26.10 -1.11 20.77
CA ARG A 57 -25.11 -2.07 20.21
C ARG A 57 -24.13 -1.32 19.29
N TRP A 58 -23.64 -0.18 19.77
CA TRP A 58 -22.54 0.54 19.09
C TRP A 58 -21.39 -0.45 18.87
N PHE A 59 -20.90 -0.51 17.64
CA PHE A 59 -19.93 -1.54 17.19
C PHE A 59 -18.52 -0.95 17.26
N PHE A 60 -17.61 -1.70 17.89
CA PHE A 60 -16.18 -1.30 18.00
C PHE A 60 -15.24 -2.50 18.00
N PRO A 61 -13.93 -2.27 17.71
CA PRO A 61 -12.96 -3.35 17.89
C PRO A 61 -12.75 -3.59 19.39
N SER A 62 -12.11 -4.69 19.73
CA SER A 62 -11.94 -5.22 21.11
C SER A 62 -11.36 -4.16 22.05
N ARG A 63 -10.44 -3.32 21.59
CA ARG A 63 -9.72 -2.36 22.47
C ARG A 63 -10.67 -1.35 23.08
N PHE A 64 -11.89 -1.20 22.56
CA PHE A 64 -12.90 -0.29 23.18
C PHE A 64 -13.08 -0.71 24.64
N LYS A 65 -13.13 -2.00 24.89
CA LYS A 65 -13.30 -2.58 26.24
C LYS A 65 -12.14 -2.12 27.15
N GLN A 66 -10.93 -2.10 26.64
CA GLN A 66 -9.72 -1.68 27.39
C GLN A 66 -9.80 -0.18 27.69
N TYR A 67 -10.31 0.65 26.78
CA TYR A 67 -10.15 2.12 26.90
C TYR A 67 -11.48 2.82 27.17
N ALA A 68 -12.60 2.10 27.30
CA ALA A 68 -13.93 2.74 27.48
C ALA A 68 -13.88 3.76 28.63
N GLU A 69 -13.36 3.38 29.80
CA GLU A 69 -13.36 4.27 31.00
C GLU A 69 -12.56 5.54 30.73
N SER A 70 -11.34 5.43 30.22
CA SER A 70 -10.47 6.60 29.98
C SER A 70 -11.10 7.47 28.87
N LEU A 71 -11.82 6.89 27.91
CA LEU A 71 -12.44 7.73 26.84
C LEU A 71 -13.57 8.56 27.45
N TYR A 72 -14.46 7.88 28.18
CA TYR A 72 -15.65 8.46 28.81
C TYR A 72 -15.28 9.53 29.86
N SER A 73 -14.21 9.35 30.61
CA SER A 73 -13.73 10.30 31.64
C SER A 73 -12.88 11.40 31.04
N PHE A 74 -12.63 11.41 29.73
CA PHE A 74 -11.88 12.52 29.10
C PHE A 74 -12.54 13.84 29.48
N GLU A 75 -11.74 14.83 29.86
CA GLU A 75 -12.21 16.15 30.38
C GLU A 75 -12.16 17.19 29.28
N ALA A 76 -13.33 17.54 28.77
CA ALA A 76 -13.56 18.60 27.78
C ALA A 76 -13.39 19.93 28.49
N ARG A 77 -13.04 20.95 27.73
CA ARG A 77 -12.92 22.34 28.22
C ARG A 77 -13.94 23.19 27.47
N PRO A 78 -14.44 24.26 28.13
CA PRO A 78 -15.47 25.09 27.52
C PRO A 78 -15.01 25.74 26.21
N ASP A 79 -13.70 25.89 25.98
CA ASP A 79 -13.24 26.49 24.71
C ASP A 79 -12.75 25.42 23.69
N ASP A 80 -12.99 24.14 23.91
CA ASP A 80 -12.72 23.07 22.89
C ASP A 80 -13.62 23.29 21.69
N THR A 81 -13.17 22.88 20.50
CA THR A 81 -14.05 22.70 19.34
C THR A 81 -14.03 21.22 18.93
N TRP A 82 -15.17 20.57 18.97
CA TRP A 82 -15.34 19.14 18.65
C TRP A 82 -16.03 19.02 17.30
N ILE A 83 -15.50 18.17 16.43
CA ILE A 83 -16.26 17.76 15.22
C ILE A 83 -16.63 16.31 15.44
N VAL A 84 -17.91 16.04 15.31
CA VAL A 84 -18.49 14.70 15.55
C VAL A 84 -19.20 14.30 14.27
N THR A 85 -18.82 13.17 13.70
CA THR A 85 -19.44 12.67 12.46
C THR A 85 -19.48 11.16 12.47
N TYR A 86 -20.37 10.58 11.69
CA TYR A 86 -20.16 9.19 11.27
C TYR A 86 -18.97 9.24 10.33
N PRO A 87 -18.17 8.17 10.22
CA PRO A 87 -17.02 8.16 9.31
C PRO A 87 -17.39 8.54 7.87
N ARG A 88 -16.48 9.27 7.20
CA ARG A 88 -16.56 9.68 5.77
C ARG A 88 -17.83 10.50 5.55
N SER A 89 -18.19 11.31 6.53
CA SER A 89 -19.32 12.24 6.45
C SER A 89 -18.75 13.67 6.44
N GLY A 90 -17.62 13.91 5.77
CA GLY A 90 -17.13 15.27 5.48
C GLY A 90 -16.19 15.76 6.57
N THR A 91 -15.63 14.80 7.29
CA THR A 91 -14.90 15.04 8.54
C THR A 91 -13.64 15.91 8.25
N THR A 92 -12.84 15.50 7.28
CA THR A 92 -11.50 16.10 7.00
C THR A 92 -11.64 17.53 6.47
N TRP A 93 -12.54 17.70 5.53
CA TRP A 93 -12.79 19.01 4.92
C TRP A 93 -13.30 19.97 6.01
N SER A 94 -14.16 19.49 6.91
CA SER A 94 -14.78 20.32 7.98
C SER A 94 -13.68 20.71 8.98
N GLN A 95 -12.77 19.78 9.30
CA GLN A 95 -11.66 20.03 10.23
C GLN A 95 -10.79 21.13 9.65
N GLU A 96 -10.48 21.04 8.36
CA GLU A 96 -9.57 22.04 7.74
C GLU A 96 -10.27 23.38 7.85
N MET A 97 -11.55 23.41 7.48
CA MET A 97 -12.34 24.67 7.52
C MET A 97 -12.33 25.25 8.94
N VAL A 98 -12.69 24.42 9.92
CA VAL A 98 -12.87 24.90 11.32
C VAL A 98 -11.50 25.33 11.88
N TRP A 99 -10.45 24.56 11.66
CA TRP A 99 -9.13 24.93 12.24
C TRP A 99 -8.77 26.33 11.72
N LEU A 100 -8.94 26.57 10.44
CA LEU A 100 -8.57 27.88 9.84
C LEU A 100 -9.45 29.01 10.40
N LEU A 101 -10.77 28.81 10.51
CA LEU A 101 -11.71 29.83 11.05
C LEU A 101 -11.30 30.22 12.48
N CYS A 102 -10.74 29.32 13.27
CA CYS A 102 -10.46 29.57 14.69
C CYS A 102 -9.02 30.00 14.88
N ASN A 103 -8.24 30.07 13.82
CA ASN A 103 -6.78 30.39 13.91
C ASN A 103 -6.44 31.51 12.93
N GLU A 104 -7.37 32.46 12.74
CA GLU A 104 -7.12 33.71 11.96
C GLU A 104 -6.66 33.37 10.53
N LEU A 105 -7.25 32.35 9.92
CA LEU A 105 -6.97 31.95 8.51
C LEU A 105 -5.46 31.78 8.30
N ASP A 106 -4.75 31.24 9.30
CA ASP A 106 -3.28 31.02 9.24
C ASP A 106 -2.97 29.83 8.34
N PHE A 107 -3.06 30.02 7.02
CA PHE A 107 -2.79 29.01 5.96
C PHE A 107 -1.36 28.50 6.07
N GLU A 108 -0.42 29.36 6.48
CA GLU A 108 1.02 28.99 6.62
C GLU A 108 1.15 27.87 7.65
N THR A 109 0.61 28.09 8.85
CA THR A 109 0.68 27.09 9.95
C THR A 109 -0.14 25.85 9.58
N ALA A 110 -1.31 26.02 8.95
CA ALA A 110 -2.13 24.87 8.51
C ALA A 110 -1.29 23.98 7.59
N LYS A 111 -0.50 24.56 6.69
CA LYS A 111 0.34 23.83 5.69
C LYS A 111 1.47 23.05 6.39
N SER A 112 2.14 23.65 7.39
CA SER A 112 3.39 23.12 7.97
C SER A 112 3.12 22.09 9.08
N ILE A 113 2.00 22.17 9.82
CA ILE A 113 1.66 21.15 10.86
C ILE A 113 0.62 20.20 10.27
N PRO A 114 0.78 18.88 10.37
CA PRO A 114 -0.27 17.96 9.89
C PRO A 114 -1.60 18.12 10.64
N LEU A 115 -2.73 17.96 9.94
CA LEU A 115 -4.10 18.05 10.50
C LEU A 115 -4.23 17.17 11.74
N THR A 116 -3.60 15.99 11.72
CA THR A 116 -3.75 14.99 12.81
C THR A 116 -3.02 15.46 14.08
N GLN A 117 -2.09 16.41 13.99
CA GLN A 117 -1.52 17.07 15.19
C GLN A 117 -2.35 18.32 15.53
N ARG A 118 -2.81 19.09 14.55
CA ARG A 118 -3.63 20.30 14.85
C ARG A 118 -5.00 19.90 15.39
N PHE A 119 -5.53 18.72 15.01
CA PHE A 119 -6.95 18.35 15.20
C PHE A 119 -7.01 16.88 15.56
N PRO A 120 -6.48 16.46 16.73
CA PRO A 120 -6.29 15.05 17.00
C PRO A 120 -7.60 14.24 17.08
N PHE A 121 -7.46 12.95 16.78
CA PHE A 121 -8.57 11.98 16.69
C PHE A 121 -8.60 11.21 18.01
N LEU A 122 -9.57 11.54 18.86
CA LEU A 122 -9.66 11.04 20.25
C LEU A 122 -9.53 9.51 20.30
N GLU A 123 -10.25 8.75 19.48
CA GLU A 123 -10.35 7.29 19.67
C GLU A 123 -9.56 6.53 18.60
N PHE A 124 -8.60 7.15 17.92
CA PHE A 124 -7.85 6.45 16.85
C PHE A 124 -7.13 5.23 17.43
N HIS A 125 -6.52 5.40 18.60
CA HIS A 125 -5.78 4.33 19.32
C HIS A 125 -6.61 3.05 19.50
N LEU A 126 -7.93 3.08 19.47
CA LEU A 126 -8.77 1.85 19.57
C LEU A 126 -8.47 0.91 18.42
N PHE A 127 -7.98 1.44 17.30
CA PHE A 127 -7.96 0.69 16.02
C PHE A 127 -6.55 0.20 15.74
N VAL A 128 -5.64 0.34 16.70
CA VAL A 128 -4.29 -0.22 16.56
C VAL A 128 -4.15 -1.43 17.47
N HIS A 129 -4.41 -2.59 16.91
CA HIS A 129 -4.32 -3.88 17.62
C HIS A 129 -2.84 -4.24 17.82
N ASP A 130 -2.49 -4.79 18.99
CA ASP A 130 -1.10 -5.16 19.37
C ASP A 130 -0.48 -6.04 18.28
N GLU A 131 -1.20 -7.03 17.76
CA GLU A 131 -0.65 -7.99 16.76
C GLU A 131 -0.40 -7.24 15.45
N VAL A 132 -1.28 -6.30 15.09
CA VAL A 132 -1.13 -5.53 13.83
C VAL A 132 0.02 -4.54 13.99
N LYS A 133 0.10 -3.87 15.13
CA LYS A 133 1.21 -2.91 15.40
C LYS A 133 2.56 -3.63 15.16
N ALA A 134 2.64 -4.88 15.57
CA ALA A 134 3.89 -5.68 15.47
C ALA A 134 4.27 -5.87 13.98
N GLU A 135 3.31 -6.05 13.09
CA GLU A 135 3.54 -6.11 11.63
C GLU A 135 4.07 -4.75 11.15
N PHE A 136 3.45 -3.63 11.55
CA PHE A 136 3.88 -2.27 11.16
C PHE A 136 5.33 -2.05 11.59
N LEU A 137 5.70 -2.50 12.80
CA LEU A 137 7.05 -2.28 13.37
C LEU A 137 8.05 -3.13 12.58
N LYS A 138 7.71 -4.37 12.29
CA LYS A 138 8.57 -5.25 11.43
C LYS A 138 8.88 -4.51 10.13
N GLU A 139 7.88 -3.92 9.49
CA GLU A 139 8.05 -3.33 8.15
C GLU A 139 8.81 -2.00 8.27
N ASN A 140 9.01 -1.48 9.47
CA ASN A 140 9.69 -0.17 9.64
C ASN A 140 10.87 -0.36 10.58
N GLU A 141 11.35 -1.60 10.76
CA GLU A 141 12.31 -1.93 11.84
C GLU A 141 13.64 -1.19 11.66
N HIS A 142 14.00 -0.71 10.48
CA HIS A 142 15.33 -0.04 10.28
C HIS A 142 15.23 1.48 10.49
N ASP A 143 14.07 2.03 10.87
CA ASP A 143 13.90 3.50 11.03
C ASP A 143 13.35 3.80 12.42
N VAL A 144 14.21 4.29 13.31
CA VAL A 144 13.86 4.56 14.74
C VAL A 144 12.68 5.53 14.82
N GLU A 145 12.62 6.57 13.98
CA GLU A 145 11.58 7.64 14.04
C GLU A 145 10.23 7.07 13.56
N SER A 146 10.20 6.25 12.50
CA SER A 146 8.99 5.51 12.06
C SER A 146 8.44 4.65 13.21
N MET A 147 9.33 3.97 13.94
CA MET A 147 8.89 3.05 15.02
C MET A 147 8.28 3.84 16.20
N LYS A 148 8.91 4.95 16.61
CA LYS A 148 8.34 5.86 17.66
C LYS A 148 6.95 6.35 17.22
N PHE A 149 6.81 6.81 15.97
CA PHE A 149 5.54 7.26 15.38
C PHE A 149 4.47 6.17 15.53
N ILE A 150 4.78 4.94 15.16
CA ILE A 150 3.79 3.81 15.20
C ILE A 150 3.37 3.55 16.65
N GLU A 151 4.32 3.60 17.59
CA GLU A 151 4.06 3.34 19.04
C GLU A 151 3.11 4.40 19.60
N GLN A 152 3.31 5.66 19.20
CA GLN A 152 2.49 6.82 19.63
C GLN A 152 1.05 6.67 19.09
N LEU A 153 0.86 6.15 17.90
CA LEU A 153 -0.48 5.84 17.33
C LEU A 153 -1.30 4.98 18.28
N SER A 154 -0.65 4.01 18.92
CA SER A 154 -1.21 3.13 19.98
C SER A 154 -1.68 3.90 21.22
N GLN A 155 -1.14 5.09 21.47
CA GLN A 155 -1.35 5.85 22.74
C GLN A 155 -2.59 6.73 22.60
N PRO A 156 -3.43 6.88 23.66
CA PRO A 156 -4.54 7.83 23.61
C PRO A 156 -4.08 9.26 23.30
N ALA A 157 -4.73 9.90 22.31
CA ALA A 157 -4.60 11.36 22.01
C ALA A 157 -4.90 12.18 23.27
N GLY A 158 -5.83 11.70 24.11
CA GLY A 158 -6.23 12.33 25.38
C GLY A 158 -5.03 12.78 26.24
N PHE A 159 -3.93 12.03 26.29
CA PHE A 159 -2.75 12.42 27.12
C PHE A 159 -2.23 13.77 26.63
N MET A 160 -1.88 13.89 25.35
CA MET A 160 -1.35 15.14 24.77
C MET A 160 -2.44 16.22 24.79
N LEU A 161 -3.71 15.86 24.54
CA LEU A 161 -4.80 16.89 24.62
C LEU A 161 -4.85 17.50 26.03
N ALA A 162 -4.75 16.68 27.07
CA ALA A 162 -4.81 17.13 28.48
C ALA A 162 -3.65 18.08 28.79
N GLU A 163 -2.51 17.96 28.11
CA GLU A 163 -1.31 18.80 28.34
C GLU A 163 -1.41 20.15 27.62
N MET A 164 -2.30 20.31 26.63
CA MET A 164 -2.39 21.56 25.85
C MET A 164 -2.82 22.71 26.75
N LYS A 165 -2.28 23.89 26.48
CA LYS A 165 -2.53 25.14 27.24
C LYS A 165 -3.31 26.12 26.36
N THR A 166 -3.61 25.74 25.11
CA THR A 166 -4.29 26.61 24.12
C THR A 166 -5.61 25.95 23.73
N PRO A 167 -6.54 26.68 23.06
CA PRO A 167 -7.80 26.08 22.62
C PRO A 167 -7.59 24.79 21.80
N ARG A 168 -8.35 23.76 22.09
CA ARG A 168 -8.18 22.43 21.48
C ARG A 168 -9.20 22.19 20.37
N PHE A 169 -8.81 21.33 19.43
CA PHE A 169 -9.62 20.91 18.27
C PHE A 169 -9.66 19.41 18.32
N ILE A 170 -10.84 18.83 18.53
CA ILE A 170 -10.94 17.36 18.71
C ILE A 170 -11.89 16.78 17.67
N LYS A 171 -11.40 15.76 16.94
CA LYS A 171 -12.19 14.93 16.00
C LYS A 171 -12.67 13.69 16.75
N THR A 172 -13.92 13.28 16.51
CA THR A 172 -14.40 11.97 16.96
C THR A 172 -15.49 11.48 16.03
N HIS A 173 -15.69 10.18 16.00
CA HIS A 173 -16.87 9.55 15.38
C HIS A 173 -17.75 8.97 16.47
N LEU A 174 -17.39 9.17 17.75
CA LEU A 174 -18.25 8.66 18.85
C LEU A 174 -19.61 9.32 18.73
N PRO A 175 -20.71 8.55 18.85
CA PRO A 175 -22.06 9.12 18.83
C PRO A 175 -22.32 9.96 20.08
N ILE A 176 -23.34 10.79 20.03
CA ILE A 176 -23.62 11.76 21.11
C ILE A 176 -23.65 10.98 22.42
N SER A 177 -24.31 9.82 22.47
CA SER A 177 -24.52 9.09 23.74
C SER A 177 -23.21 8.49 24.27
N LEU A 178 -22.12 8.45 23.49
CA LEU A 178 -20.84 7.90 23.97
C LEU A 178 -19.79 9.00 24.12
N LEU A 179 -20.14 10.26 23.88
CA LEU A 179 -19.16 11.34 24.09
C LEU A 179 -18.82 11.39 25.57
N PRO A 180 -17.62 11.87 25.96
CA PRO A 180 -17.39 12.24 27.35
C PRO A 180 -18.54 13.15 27.79
N PRO A 181 -19.22 12.89 28.91
CA PRO A 181 -20.25 13.80 29.38
C PRO A 181 -19.71 15.23 29.56
N SER A 182 -18.43 15.42 29.87
CA SER A 182 -17.86 16.78 30.07
C SER A 182 -18.03 17.66 28.82
N VAL A 183 -18.26 17.08 27.63
CA VAL A 183 -18.45 17.89 26.39
C VAL A 183 -19.68 18.77 26.56
N PHE A 184 -20.83 18.19 26.90
CA PHE A 184 -22.09 18.96 27.16
C PHE A 184 -22.07 19.67 28.52
N GLU A 185 -21.53 19.07 29.57
CA GLU A 185 -21.41 19.79 30.86
C GLU A 185 -20.64 21.10 30.65
N GLN A 186 -19.61 21.15 29.81
CA GLN A 186 -18.74 22.35 29.64
C GLN A 186 -19.28 23.21 28.51
N LYS A 187 -20.33 22.76 27.85
CA LYS A 187 -20.90 23.37 26.65
C LYS A 187 -19.81 23.66 25.61
N ALA A 188 -18.92 22.70 25.37
CA ALA A 188 -17.94 22.81 24.27
C ALA A 188 -18.74 22.92 22.96
N LYS A 189 -18.22 23.65 21.99
CA LYS A 189 -18.91 23.77 20.68
C LYS A 189 -18.74 22.46 19.91
N ILE A 190 -19.82 22.00 19.33
CA ILE A 190 -19.84 20.72 18.57
C ILE A 190 -20.38 21.01 17.19
N ILE A 191 -19.66 20.58 16.18
CA ILE A 191 -20.18 20.55 14.81
C ILE A 191 -20.49 19.10 14.48
N TYR A 192 -21.73 18.81 14.16
CA TYR A 192 -22.21 17.48 13.75
C TYR A 192 -22.51 17.51 12.25
N VAL A 193 -21.82 16.69 11.46
CA VAL A 193 -22.07 16.68 10.00
C VAL A 193 -22.67 15.34 9.66
N ALA A 194 -23.79 15.37 8.95
CA ALA A 194 -24.51 14.17 8.46
C ALA A 194 -24.34 14.04 6.94
N ARG A 195 -24.21 12.82 6.45
CA ARG A 195 -24.07 12.56 5.01
C ARG A 195 -24.96 11.38 4.64
N ASN A 196 -25.52 11.43 3.44
CA ASN A 196 -26.54 10.46 2.99
C ASN A 196 -25.89 9.08 2.97
N PRO A 197 -26.66 8.02 3.28
CA PRO A 197 -26.09 6.70 3.44
C PRO A 197 -25.45 6.09 2.19
N SER A 198 -25.92 6.43 0.98
CA SER A 198 -25.34 5.88 -0.27
C SER A 198 -23.87 6.30 -0.37
N ASP A 199 -23.63 7.60 -0.25
CA ASP A 199 -22.27 8.17 -0.38
C ASP A 199 -21.45 7.69 0.80
N VAL A 200 -22.03 7.59 2.01
CA VAL A 200 -21.25 7.09 3.17
C VAL A 200 -20.87 5.61 2.95
N ALA A 201 -21.79 4.77 2.48
CA ALA A 201 -21.51 3.33 2.28
C ALA A 201 -20.28 3.15 1.38
N VAL A 202 -20.23 3.86 0.27
CA VAL A 202 -19.17 3.74 -0.74
C VAL A 202 -17.87 4.32 -0.16
N SER A 203 -17.91 5.51 0.43
CA SER A 203 -16.69 6.17 0.96
C SER A 203 -16.14 5.37 2.15
N TYR A 204 -17.01 4.85 3.01
CA TYR A 204 -16.59 4.08 4.18
C TYR A 204 -15.98 2.76 3.72
N TYR A 205 -16.57 2.12 2.71
CA TYR A 205 -15.98 0.91 2.06
C TYR A 205 -14.54 1.19 1.61
N HIS A 206 -14.30 2.29 0.90
CA HIS A 206 -12.92 2.69 0.49
C HIS A 206 -12.04 2.96 1.72
N LEU A 207 -12.57 3.60 2.78
CA LEU A 207 -11.77 3.87 4.00
C LEU A 207 -11.29 2.51 4.55
N ASN A 208 -12.17 1.52 4.59
CA ASN A 208 -11.88 0.20 5.19
C ASN A 208 -10.81 -0.53 4.36
N ARG A 209 -10.71 -0.27 3.07
CA ARG A 209 -9.64 -0.83 2.19
C ARG A 209 -8.38 0.02 2.33
N LEU A 210 -8.51 1.32 2.50
CA LEU A 210 -7.35 2.22 2.52
C LEU A 210 -6.54 2.03 3.82
N TYR A 211 -7.19 1.91 4.96
CA TYR A 211 -6.49 1.81 6.27
C TYR A 211 -6.27 0.35 6.65
N ARG A 212 -5.01 -0.04 6.84
CA ARG A 212 -4.67 -1.42 7.26
C ARG A 212 -5.06 -1.63 8.72
N THR A 213 -5.31 -0.56 9.48
CA THR A 213 -5.89 -0.64 10.85
C THR A 213 -7.29 -1.26 10.79
N GLN A 214 -7.98 -1.16 9.66
CA GLN A 214 -9.28 -1.82 9.40
C GLN A 214 -9.01 -3.13 8.69
N GLY A 215 -8.23 -3.07 7.61
CA GLY A 215 -7.73 -4.28 6.90
C GLY A 215 -8.86 -5.06 6.22
N TYR A 216 -9.91 -4.40 5.73
CA TYR A 216 -11.00 -5.04 4.95
C TYR A 216 -10.48 -5.46 3.58
N VAL A 217 -10.79 -6.68 3.16
CA VAL A 217 -10.20 -7.38 1.97
C VAL A 217 -11.28 -7.65 0.91
N GLY A 218 -12.57 -7.55 1.27
CA GLY A 218 -13.68 -7.99 0.41
C GLY A 218 -14.16 -6.92 -0.57
N ASP A 219 -15.32 -7.18 -1.16
CA ASP A 219 -15.89 -6.27 -2.14
C ASP A 219 -16.98 -5.40 -1.48
N PHE A 220 -17.55 -4.50 -2.27
CA PHE A 220 -18.52 -3.51 -1.81
C PHE A 220 -19.76 -4.22 -1.30
N GLU A 221 -20.26 -5.21 -2.03
CA GLU A 221 -21.56 -5.80 -1.63
C GLU A 221 -21.39 -6.45 -0.27
N THR A 222 -20.27 -7.12 -0.01
CA THR A 222 -20.06 -7.74 1.32
C THR A 222 -19.99 -6.62 2.35
N PHE A 223 -19.43 -5.47 1.99
CA PHE A 223 -19.23 -4.40 2.99
C PHE A 223 -20.60 -3.79 3.32
N TYR A 224 -21.38 -3.50 2.30
CA TYR A 224 -22.76 -2.96 2.44
C TYR A 224 -23.56 -3.88 3.37
N ASN A 225 -23.44 -5.20 3.24
CA ASN A 225 -24.17 -6.19 4.07
C ASN A 225 -23.81 -5.99 5.54
N TYR A 226 -22.53 -5.81 5.87
CA TYR A 226 -22.07 -5.47 7.23
C TYR A 226 -22.64 -4.12 7.68
N PHE A 227 -22.52 -3.12 6.82
CA PHE A 227 -22.95 -1.73 7.11
C PHE A 227 -24.45 -1.71 7.45
N GLU A 228 -25.27 -2.40 6.63
CA GLU A 228 -26.74 -2.45 6.79
C GLU A 228 -27.10 -3.17 8.09
N LYS A 229 -26.26 -4.08 8.56
CA LYS A 229 -26.51 -4.80 9.84
C LYS A 229 -25.82 -4.13 11.01
N ASP A 230 -25.26 -2.93 10.84
CA ASP A 230 -24.63 -2.20 11.95
C ASP A 230 -23.45 -3.02 12.51
N LEU A 231 -22.75 -3.77 11.64
CA LEU A 231 -21.52 -4.53 12.01
C LEU A 231 -20.31 -3.83 11.40
N THR A 232 -20.30 -2.49 11.45
CA THR A 232 -19.10 -1.67 11.09
C THR A 232 -18.86 -0.67 12.21
N PRO A 233 -17.60 -0.26 12.44
CA PRO A 233 -17.32 0.65 13.54
C PRO A 233 -18.15 1.91 13.55
N TRP A 234 -18.62 2.24 14.76
CA TRP A 234 -19.43 3.42 15.10
C TRP A 234 -20.86 3.28 14.58
N SER A 235 -21.25 2.18 13.95
CA SER A 235 -22.68 1.87 13.68
C SER A 235 -23.33 1.54 15.01
N PRO A 236 -24.68 1.65 15.16
CA PRO A 236 -25.63 1.91 14.07
C PRO A 236 -25.58 3.31 13.47
N TYR A 237 -25.46 3.35 12.14
CA TYR A 237 -25.48 4.62 11.37
C TYR A 237 -26.74 5.45 11.68
N TRP A 238 -27.93 4.85 11.64
CA TRP A 238 -29.18 5.67 11.75
C TRP A 238 -29.28 6.25 13.16
N GLU A 239 -28.88 5.51 14.18
CA GLU A 239 -28.89 6.01 15.56
C GLU A 239 -27.88 7.16 15.67
N HIS A 240 -26.73 7.09 15.01
CA HIS A 240 -25.67 8.16 15.00
C HIS A 240 -26.30 9.47 14.48
N ILE A 241 -26.94 9.38 13.31
CA ILE A 241 -27.63 10.54 12.66
C ILE A 241 -28.73 11.09 13.56
N LYS A 242 -29.64 10.24 14.02
CA LYS A 242 -30.77 10.64 14.89
C LYS A 242 -30.32 11.32 16.18
N GLU A 243 -29.29 10.84 16.85
CA GLU A 243 -28.77 11.54 18.05
C GLU A 243 -28.21 12.92 17.69
N GLY A 244 -27.45 13.05 16.60
CA GLY A 244 -27.00 14.37 16.11
C GLY A 244 -28.20 15.29 15.90
N TRP A 245 -29.24 14.81 15.23
CA TRP A 245 -30.40 15.62 14.84
C TRP A 245 -31.13 16.10 16.10
N ALA A 246 -31.23 15.23 17.10
CA ALA A 246 -31.92 15.47 18.40
C ALA A 246 -31.18 16.53 19.24
N GLU A 247 -29.93 16.83 18.97
CA GLU A 247 -29.23 17.87 19.75
C GLU A 247 -29.07 19.16 18.96
N ARG A 248 -29.46 19.23 17.70
CA ARG A 248 -29.05 20.41 16.87
C ARG A 248 -29.60 21.76 17.37
N ASP A 249 -30.63 21.76 18.21
CA ASP A 249 -31.24 23.00 18.78
C ASP A 249 -30.40 23.56 19.93
N ARG A 250 -29.51 22.79 20.53
CA ARG A 250 -28.65 23.29 21.64
C ARG A 250 -27.77 24.43 21.09
N GLU A 251 -27.53 25.44 21.92
CA GLU A 251 -26.80 26.66 21.46
C GLU A 251 -25.36 26.29 21.06
N ASN A 252 -24.79 25.22 21.62
CA ASN A 252 -23.39 24.78 21.42
C ASN A 252 -23.27 23.65 20.37
N VAL A 253 -24.32 23.35 19.61
CA VAL A 253 -24.32 22.33 18.52
C VAL A 253 -24.72 22.98 17.18
N LEU A 254 -23.93 22.75 16.14
CA LEU A 254 -24.24 23.14 14.74
C LEU A 254 -24.37 21.85 13.96
N PHE A 255 -25.56 21.53 13.50
CA PHE A 255 -25.81 20.34 12.64
C PHE A 255 -25.85 20.77 11.17
N MET A 256 -25.10 20.14 10.28
CA MET A 256 -25.14 20.41 8.82
C MET A 256 -25.14 19.11 8.04
N TYR A 257 -25.87 19.09 6.94
CA TYR A 257 -25.78 18.02 5.92
C TYR A 257 -24.61 18.33 4.98
N TYR A 258 -23.79 17.32 4.73
CA TYR A 258 -22.58 17.35 3.89
C TYR A 258 -22.90 18.00 2.54
N GLU A 259 -23.98 17.57 1.88
CA GLU A 259 -24.34 18.06 0.53
C GLU A 259 -24.77 19.53 0.58
N ASP A 260 -25.42 20.03 1.65
CA ASP A 260 -25.64 21.49 1.82
C ASP A 260 -24.30 22.20 1.94
N MET A 261 -23.38 21.68 2.74
CA MET A 261 -22.08 22.37 2.98
C MET A 261 -21.34 22.57 1.67
N LYS A 262 -21.27 21.51 0.86
CA LYS A 262 -20.51 21.45 -0.40
C LYS A 262 -21.18 22.33 -1.46
N ARG A 263 -22.51 22.38 -1.49
CA ARG A 263 -23.29 23.13 -2.51
C ARG A 263 -23.04 24.65 -2.36
N ASN A 264 -22.64 25.17 -1.21
CA ASN A 264 -22.56 26.65 -1.05
C ASN A 264 -21.46 27.01 -0.07
N LEU A 265 -20.21 27.05 -0.53
CA LEU A 265 -19.06 27.25 0.37
C LEU A 265 -19.20 28.57 1.11
N PRO A 266 -19.47 29.72 0.44
CA PRO A 266 -19.54 31.02 1.14
C PRO A 266 -20.56 30.98 2.28
N ASP A 267 -21.78 30.47 2.05
CA ASP A 267 -22.77 30.35 3.14
C ASP A 267 -22.24 29.42 4.25
N THR A 268 -21.62 28.30 3.89
CA THR A 268 -21.16 27.30 4.86
C THR A 268 -20.12 27.96 5.75
N ILE A 269 -19.17 28.64 5.13
CA ILE A 269 -18.01 29.24 5.83
C ILE A 269 -18.54 30.30 6.81
N ARG A 270 -19.46 31.13 6.36
CA ARG A 270 -20.03 32.23 7.18
C ARG A 270 -20.82 31.71 8.36
N LYS A 271 -21.69 30.74 8.08
CA LYS A 271 -22.56 30.12 9.10
C LYS A 271 -21.68 29.48 10.17
N THR A 272 -20.62 28.82 9.74
CA THR A 272 -19.75 28.06 10.65
C THR A 272 -18.97 29.08 11.46
N ALA A 273 -18.50 30.12 10.80
CA ALA A 273 -17.71 31.18 11.48
C ALA A 273 -18.60 31.82 12.56
N ALA A 274 -19.85 32.17 12.21
CA ALA A 274 -20.76 32.87 13.14
C ALA A 274 -21.04 31.97 14.33
N PHE A 275 -21.26 30.68 14.09
CA PHE A 275 -21.48 29.73 15.21
C PHE A 275 -20.25 29.73 16.13
N LEU A 276 -19.05 29.82 15.56
CA LEU A 276 -17.79 29.80 16.36
C LEU A 276 -17.47 31.17 16.95
N GLY A 277 -18.29 32.18 16.74
CA GLY A 277 -18.10 33.54 17.27
C GLY A 277 -16.91 34.23 16.62
N LYS A 278 -16.68 33.97 15.33
CA LYS A 278 -15.65 34.70 14.53
C LYS A 278 -16.35 35.46 13.41
N SER A 279 -15.69 36.54 12.96
CA SER A 279 -16.17 37.50 11.94
C SER A 279 -15.08 37.74 10.89
N PHE A 280 -15.42 37.63 9.60
CA PHE A 280 -14.42 37.74 8.51
C PHE A 280 -14.95 38.58 7.33
N SER A 281 -14.07 39.31 6.64
CA SER A 281 -14.42 40.14 5.45
C SER A 281 -14.81 39.24 4.28
N ASP A 282 -15.38 39.85 3.25
CA ASP A 282 -15.75 39.17 1.99
C ASP A 282 -14.46 38.63 1.34
N ASP A 283 -13.35 39.35 1.48
CA ASP A 283 -12.07 38.93 0.86
C ASP A 283 -11.56 37.67 1.55
N GLN A 284 -11.57 37.66 2.88
CA GLN A 284 -11.18 36.48 3.67
C GLN A 284 -12.04 35.29 3.32
N ILE A 285 -13.37 35.46 3.24
CA ILE A 285 -14.29 34.34 2.89
C ILE A 285 -13.84 33.77 1.55
N ASP A 286 -13.45 34.63 0.62
CA ASP A 286 -13.09 34.19 -0.76
C ASP A 286 -11.82 33.34 -0.72
N THR A 287 -10.77 33.72 0.03
CA THR A 287 -9.55 32.88 0.16
C THR A 287 -9.94 31.52 0.75
N MET A 288 -10.90 31.47 1.67
CA MET A 288 -11.30 30.20 2.32
C MET A 288 -12.06 29.36 1.29
N CYS A 289 -12.89 30.00 0.48
CA CYS A 289 -13.66 29.31 -0.56
C CYS A 289 -12.70 28.68 -1.57
N THR A 290 -11.63 29.37 -1.98
CA THR A 290 -10.59 28.86 -2.94
C THR A 290 -9.83 27.68 -2.31
N HIS A 291 -9.41 27.83 -1.06
CA HIS A 291 -8.68 26.81 -0.27
C HIS A 291 -9.51 25.54 -0.20
N LEU A 292 -10.82 25.67 -0.07
CA LEU A 292 -11.68 24.51 0.27
C LEU A 292 -12.34 24.00 -0.99
N ASP A 293 -12.16 24.67 -2.12
CA ASP A 293 -12.77 24.24 -3.40
C ASP A 293 -12.25 22.82 -3.74
N ILE A 294 -13.12 21.98 -4.29
CA ILE A 294 -12.84 20.59 -4.79
C ILE A 294 -11.44 20.53 -5.44
N ARG A 295 -11.13 21.47 -6.32
CA ARG A 295 -9.94 21.45 -7.20
C ARG A 295 -8.66 21.65 -6.37
N ASN A 296 -8.66 22.56 -5.41
CA ASN A 296 -7.44 22.89 -4.62
C ASN A 296 -7.33 21.91 -3.45
N PHE A 297 -8.45 21.59 -2.82
CA PHE A 297 -8.51 20.64 -1.68
C PHE A 297 -7.94 19.24 -2.04
N ARG A 298 -8.15 18.74 -3.26
CA ARG A 298 -7.53 17.45 -3.71
C ARG A 298 -6.00 17.50 -3.53
N HIS A 299 -5.35 18.66 -3.61
CA HIS A 299 -3.88 18.80 -3.46
C HIS A 299 -3.52 19.17 -2.02
N ASN A 300 -4.49 19.22 -1.10
CA ASN A 300 -4.22 19.54 0.33
C ASN A 300 -3.53 18.34 1.03
N LYS A 301 -2.49 18.62 1.81
CA LYS A 301 -1.73 17.64 2.65
C LYS A 301 -2.68 16.77 3.49
N SER A 302 -3.77 17.33 4.01
CA SER A 302 -4.73 16.61 4.88
C SER A 302 -5.45 15.51 4.09
N VAL A 303 -5.47 15.61 2.75
CA VAL A 303 -6.11 14.58 1.87
C VAL A 303 -5.10 13.45 1.58
N THR A 304 -3.86 13.83 1.23
CA THR A 304 -2.74 12.93 0.79
C THR A 304 -2.31 12.05 1.99
N CYS A 305 -2.26 12.62 3.20
CA CYS A 305 -1.90 11.97 4.50
C CYS A 305 -0.52 11.30 4.40
N GLU A 306 0.50 12.08 4.08
CA GLU A 306 1.80 11.56 3.58
C GLU A 306 2.56 10.84 4.72
N GLU A 307 2.28 11.07 6.01
CA GLU A 307 3.06 10.46 7.13
C GLU A 307 2.53 9.04 7.41
N LEU A 308 1.21 8.82 7.49
CA LEU A 308 0.59 7.49 7.60
C LEU A 308 0.97 6.64 6.38
N LYS A 309 1.10 7.28 5.22
CA LYS A 309 1.48 6.57 3.96
C LYS A 309 2.96 6.15 4.05
N ALA A 310 3.83 6.99 4.65
CA ALA A 310 5.30 6.79 4.71
C ALA A 310 5.66 5.50 5.48
N VAL A 311 4.90 5.14 6.52
CA VAL A 311 5.14 3.93 7.37
C VAL A 311 4.24 2.78 6.89
N GLY A 312 3.43 3.00 5.86
CA GLY A 312 2.71 1.94 5.15
C GLY A 312 1.48 1.46 5.90
N ILE A 313 0.92 2.26 6.81
CA ILE A 313 -0.37 1.93 7.49
C ILE A 313 -1.54 2.20 6.53
N LEU A 314 -1.38 3.19 5.64
CA LEU A 314 -2.24 3.42 4.45
C LEU A 314 -1.83 2.42 3.38
N ASN A 315 -2.83 1.78 2.79
CA ASN A 315 -2.66 0.84 1.66
C ASN A 315 -2.50 1.69 0.39
N SER A 316 -1.27 1.80 -0.13
CA SER A 316 -0.92 2.69 -1.27
C SER A 316 -1.62 2.18 -2.54
N GLY A 317 -2.03 0.90 -2.58
CA GLY A 317 -2.79 0.35 -3.71
C GLY A 317 -4.24 0.80 -3.74
N GLU A 318 -4.70 1.61 -2.79
CA GLU A 318 -6.13 2.04 -2.67
C GLU A 318 -6.25 3.57 -2.73
N GLN A 319 -5.32 4.25 -3.37
CA GLN A 319 -5.32 5.73 -3.49
C GLN A 319 -6.13 6.16 -4.73
N GLY A 320 -6.57 5.22 -5.58
CA GLY A 320 -7.55 5.51 -6.64
C GLY A 320 -8.72 6.36 -6.15
N PHE A 321 -9.37 5.96 -5.06
CA PHE A 321 -10.62 6.62 -4.61
C PHE A 321 -10.29 8.01 -4.03
N VAL A 322 -9.27 8.10 -3.18
CA VAL A 322 -8.61 9.35 -2.70
C VAL A 322 -8.46 10.34 -3.87
N ARG A 323 -7.76 9.99 -4.95
CA ARG A 323 -7.43 10.94 -6.07
C ARG A 323 -8.68 11.28 -6.90
N ASN A 324 -9.60 10.34 -7.08
CA ASN A 324 -10.70 10.41 -8.08
C ASN A 324 -12.09 10.62 -7.46
N GLY A 325 -12.37 10.10 -6.26
CA GLY A 325 -13.73 10.14 -5.69
C GLY A 325 -14.68 9.26 -6.49
N GLN A 326 -16.00 9.51 -6.41
CA GLN A 326 -17.07 8.65 -6.99
C GLN A 326 -17.86 9.46 -8.03
N VAL A 327 -18.42 8.77 -9.05
CA VAL A 327 -19.40 9.38 -9.99
C VAL A 327 -20.60 9.84 -9.15
N ARG A 328 -20.87 11.15 -9.16
CA ARG A 328 -21.88 11.82 -8.28
C ARG A 328 -23.26 11.17 -8.51
N GLY A 329 -23.86 10.67 -7.43
CA GLY A 329 -25.20 10.04 -7.42
C GLY A 329 -25.27 8.68 -8.14
N ASN A 330 -24.12 8.08 -8.53
CA ASN A 330 -24.11 6.76 -9.21
C ASN A 330 -22.69 6.16 -9.20
N ALA A 331 -22.19 5.77 -8.04
CA ALA A 331 -20.85 5.16 -7.88
C ALA A 331 -20.77 3.90 -8.73
N GLU A 332 -19.60 3.64 -9.33
CA GLU A 332 -19.25 2.41 -10.09
C GLU A 332 -19.62 1.14 -9.29
N GLU A 333 -19.41 1.12 -7.97
CA GLU A 333 -19.67 -0.01 -7.02
C GLU A 333 -21.18 -0.26 -6.79
N MET A 334 -22.00 0.75 -6.96
CA MET A 334 -23.45 0.66 -6.66
C MET A 334 -24.06 -0.33 -7.66
N THR A 335 -24.99 -1.18 -7.23
CA THR A 335 -25.81 -2.03 -8.13
C THR A 335 -27.26 -1.62 -7.88
N ASP A 336 -28.15 -2.00 -8.79
CA ASP A 336 -29.58 -1.66 -8.65
C ASP A 336 -30.12 -2.33 -7.37
N ASP A 337 -29.64 -3.53 -7.05
CA ASP A 337 -30.12 -4.26 -5.87
C ASP A 337 -29.65 -3.54 -4.59
N ILE A 338 -28.40 -3.12 -4.51
CA ILE A 338 -27.92 -2.38 -3.31
C ILE A 338 -28.65 -1.05 -3.21
N LYS A 339 -28.82 -0.33 -4.33
CA LYS A 339 -29.55 0.96 -4.33
C LYS A 339 -30.97 0.75 -3.78
N ARG A 340 -31.64 -0.31 -4.21
CA ARG A 340 -33.00 -0.60 -3.70
C ARG A 340 -32.93 -0.84 -2.20
N ARG A 341 -31.99 -1.68 -1.73
CA ARG A 341 -31.83 -1.98 -0.28
C ARG A 341 -31.54 -0.69 0.50
N LEU A 342 -30.69 0.21 0.01
CA LEU A 342 -30.41 1.52 0.69
C LEU A 342 -31.73 2.28 0.84
N ASN A 343 -32.51 2.37 -0.24
CA ASN A 343 -33.78 3.12 -0.25
C ASN A 343 -34.72 2.55 0.80
N GLU A 344 -34.87 1.24 0.85
CA GLU A 344 -35.79 0.62 1.85
C GLU A 344 -35.27 0.79 3.28
N TRP A 345 -33.98 0.61 3.48
CA TRP A 345 -33.36 0.78 4.81
C TRP A 345 -33.58 2.22 5.30
N THR A 346 -33.46 3.19 4.40
CA THR A 346 -33.66 4.64 4.67
C THR A 346 -35.12 4.86 5.09
N GLU A 347 -36.05 4.35 4.29
CA GLU A 347 -37.52 4.40 4.56
C GLU A 347 -37.81 3.84 5.95
N ARG A 348 -37.34 2.64 6.26
CA ARG A 348 -37.62 2.02 7.59
C ARG A 348 -37.09 2.93 8.71
N ASN A 349 -35.91 3.51 8.54
CA ASN A 349 -35.25 4.23 9.65
C ASN A 349 -35.76 5.67 9.75
N LEU A 350 -36.18 6.31 8.67
CA LEU A 350 -36.57 7.75 8.69
C LEU A 350 -38.10 7.96 8.70
N ASN A 351 -38.92 6.95 8.37
CA ASN A 351 -40.40 7.06 8.43
C ASN A 351 -40.77 7.64 9.81
N GLY A 352 -41.63 8.67 9.87
CA GLY A 352 -42.08 9.27 11.13
C GLY A 352 -41.07 10.24 11.74
N THR A 353 -39.99 10.57 11.05
CA THR A 353 -39.04 11.64 11.47
C THR A 353 -39.14 12.77 10.47
N ASP A 354 -38.55 13.92 10.77
CA ASP A 354 -38.41 15.05 9.79
C ASP A 354 -36.97 15.10 9.27
N ILE A 355 -36.24 13.99 9.36
CA ILE A 355 -34.84 13.98 8.82
C ILE A 355 -34.99 13.75 7.33
N ARG A 356 -34.32 14.55 6.50
CA ARG A 356 -34.36 14.38 5.04
C ARG A 356 -33.06 14.92 4.44
N PHE A 357 -32.39 14.07 3.68
CA PHE A 357 -31.10 14.44 3.05
C PHE A 357 -31.43 15.33 1.87
N PRO A 358 -30.62 16.38 1.58
CA PRO A 358 -30.78 17.24 0.39
C PRO A 358 -31.01 16.55 -0.97
N PRO B 23 22.25 -1.27 -33.57
CA PRO B 23 21.00 -1.64 -34.29
C PRO B 23 20.25 -2.80 -33.60
N PHE B 24 19.04 -2.58 -33.07
CA PHE B 24 18.33 -3.64 -32.31
C PHE B 24 17.87 -4.70 -33.32
N PRO B 25 18.38 -5.94 -33.24
CA PRO B 25 18.15 -6.93 -34.29
C PRO B 25 16.79 -7.62 -34.36
N TYR B 26 15.89 -7.44 -33.39
CA TYR B 26 14.66 -8.28 -33.31
C TYR B 26 13.41 -7.43 -33.52
N SER B 27 12.38 -8.07 -34.03
CA SER B 27 11.04 -7.48 -34.22
C SER B 27 10.44 -7.19 -32.83
N ILE B 28 9.74 -6.08 -32.75
CA ILE B 28 8.98 -5.66 -31.56
C ILE B 28 7.56 -5.40 -32.06
N ASP B 29 6.58 -6.17 -31.62
CA ASP B 29 5.18 -6.03 -32.11
C ASP B 29 4.26 -5.93 -30.89
N PHE B 30 3.27 -5.08 -30.98
CA PHE B 30 2.18 -5.00 -29.97
C PHE B 30 1.46 -6.35 -29.94
N VAL B 31 1.15 -6.84 -28.74
CA VAL B 31 0.32 -8.05 -28.53
C VAL B 31 -0.98 -7.85 -29.32
N GLU B 32 -1.49 -8.90 -29.95
CA GLU B 32 -2.80 -8.90 -30.65
C GLU B 32 -3.84 -8.13 -29.85
N SER B 33 -4.62 -7.26 -30.52
CA SER B 33 -5.48 -6.21 -29.91
C SER B 33 -6.43 -6.77 -28.84
N LYS B 34 -7.14 -7.90 -29.02
CA LYS B 34 -8.12 -8.36 -27.98
C LYS B 34 -7.39 -8.88 -26.73
N GLN B 35 -6.31 -9.64 -26.90
CA GLN B 35 -5.46 -10.08 -25.76
C GLN B 35 -4.85 -8.81 -25.11
N ASN B 36 -4.46 -7.82 -25.89
CA ASN B 36 -3.81 -6.60 -25.35
C ASN B 36 -4.80 -5.83 -24.50
N GLU B 37 -6.05 -5.75 -24.96
CA GLU B 37 -7.15 -5.08 -24.20
C GLU B 37 -7.38 -5.79 -22.86
N GLN B 38 -7.50 -7.11 -22.86
CA GLN B 38 -7.67 -7.89 -21.59
C GLN B 38 -6.47 -7.64 -20.65
N LEU B 39 -5.25 -7.63 -21.15
CA LEU B 39 -4.03 -7.45 -20.32
C LEU B 39 -4.07 -6.09 -19.63
N LEU B 40 -4.50 -5.05 -20.33
CA LEU B 40 -4.67 -3.68 -19.79
C LEU B 40 -5.75 -3.63 -18.71
N LYS B 41 -6.78 -4.49 -18.75
CA LYS B 41 -7.80 -4.59 -17.68
C LYS B 41 -7.20 -5.20 -16.43
N ASP B 42 -6.28 -6.16 -16.57
CA ASP B 42 -5.71 -6.91 -15.40
C ASP B 42 -4.40 -6.29 -14.89
N PHE B 43 -3.67 -5.53 -15.70
CA PHE B 43 -2.33 -4.96 -15.31
C PHE B 43 -2.38 -3.44 -15.41
N HIS B 44 -2.71 -2.78 -14.29
CA HIS B 44 -2.95 -1.31 -14.22
C HIS B 44 -1.63 -0.53 -14.22
N GLY B 45 -0.48 -1.20 -14.11
CA GLY B 45 0.85 -0.53 -14.19
C GLY B 45 1.23 -0.16 -15.63
N GLU B 46 0.53 -0.69 -16.61
CA GLU B 46 0.74 -0.37 -18.02
C GLU B 46 -0.53 0.27 -18.56
N ARG B 47 -0.43 1.33 -19.35
CA ARG B 47 -1.62 2.10 -19.82
C ARG B 47 -1.62 2.23 -21.34
N THR B 48 -0.60 1.76 -22.07
CA THR B 48 -0.54 1.84 -23.56
C THR B 48 -0.69 0.45 -24.17
N GLY B 49 0.15 -0.53 -23.79
CA GLY B 49 0.01 -1.94 -24.22
C GLY B 49 1.27 -2.75 -24.02
N PHE B 50 1.23 -4.00 -24.44
CA PHE B 50 2.35 -4.96 -24.26
C PHE B 50 2.89 -5.37 -25.61
N VAL B 51 4.18 -5.66 -25.65
CA VAL B 51 4.90 -6.05 -26.88
C VAL B 51 5.45 -7.45 -26.69
N GLN B 52 5.65 -8.13 -27.82
CA GLN B 52 6.33 -9.42 -27.93
C GLN B 52 7.54 -9.27 -28.87
N VAL B 53 8.70 -9.74 -28.43
CA VAL B 53 9.99 -9.45 -29.09
C VAL B 53 10.56 -10.72 -29.75
N GLY B 54 10.79 -10.66 -31.05
CA GLY B 54 11.56 -11.70 -31.76
C GLY B 54 10.71 -12.94 -31.91
N GLU B 55 11.32 -14.03 -32.38
CA GLU B 55 10.55 -15.26 -32.68
C GLU B 55 10.13 -15.93 -31.36
N LYS B 56 10.85 -15.74 -30.26
CA LYS B 56 10.42 -16.34 -28.95
C LYS B 56 9.32 -15.52 -28.28
N ARG B 57 9.02 -14.33 -28.77
CA ARG B 57 7.91 -13.49 -28.28
C ARG B 57 8.15 -13.10 -26.82
N TRP B 58 9.38 -12.69 -26.48
CA TRP B 58 9.68 -12.13 -25.15
C TRP B 58 8.67 -11.03 -24.84
N PHE B 59 8.02 -11.12 -23.68
CA PHE B 59 6.92 -10.22 -23.29
C PHE B 59 7.44 -9.05 -22.46
N PHE B 60 7.05 -7.83 -22.85
CA PHE B 60 7.40 -6.59 -22.11
C PHE B 60 6.30 -5.53 -22.19
N PRO B 61 6.32 -4.54 -21.26
CA PRO B 61 5.44 -3.37 -21.41
C PRO B 61 5.93 -2.52 -22.58
N SER B 62 5.11 -1.60 -23.03
CA SER B 62 5.29 -0.78 -24.26
C SER B 62 6.66 -0.06 -24.26
N ARG B 63 7.14 0.41 -23.12
CA ARG B 63 8.38 1.21 -23.07
C ARG B 63 9.59 0.43 -23.55
N PHE B 64 9.52 -0.91 -23.61
CA PHE B 64 10.62 -1.72 -24.20
C PHE B 64 10.94 -1.17 -25.60
N LYS B 65 9.91 -0.86 -26.38
CA LYS B 65 10.04 -0.34 -27.76
C LYS B 65 10.84 0.97 -27.75
N GLN B 66 10.61 1.82 -26.76
CA GLN B 66 11.31 3.12 -26.63
C GLN B 66 12.77 2.87 -26.25
N TYR B 67 13.06 1.88 -25.41
CA TYR B 67 14.41 1.75 -24.82
C TYR B 67 15.19 0.54 -25.37
N ALA B 68 14.63 -0.25 -26.28
CA ALA B 68 15.30 -1.48 -26.78
C ALA B 68 16.73 -1.12 -27.25
N GLU B 69 16.91 -0.09 -28.07
CA GLU B 69 18.24 0.24 -28.65
C GLU B 69 19.24 0.57 -27.56
N SER B 70 18.87 1.45 -26.62
CA SER B 70 19.81 1.90 -25.56
C SER B 70 20.10 0.70 -24.62
N LEU B 71 19.15 -0.23 -24.42
CA LEU B 71 19.42 -1.39 -23.54
C LEU B 71 20.45 -2.30 -24.21
N TYR B 72 20.20 -2.62 -25.48
CA TYR B 72 21.04 -3.54 -26.28
C TYR B 72 22.45 -2.99 -26.47
N SER B 73 22.62 -1.68 -26.66
CA SER B 73 23.94 -1.03 -26.85
C SER B 73 24.64 -0.75 -25.53
N PHE B 74 24.05 -1.08 -24.38
CA PHE B 74 24.73 -0.87 -23.08
C PHE B 74 26.10 -1.59 -23.12
N GLU B 75 27.13 -0.91 -22.63
CA GLU B 75 28.54 -1.40 -22.71
C GLU B 75 28.95 -2.03 -21.39
N ALA B 76 29.04 -3.35 -21.39
CA ALA B 76 29.54 -4.18 -20.28
C ALA B 76 31.06 -3.98 -20.20
N ARG B 77 31.61 -4.20 -19.03
CA ARG B 77 33.06 -4.16 -18.78
C ARG B 77 33.49 -5.54 -18.32
N PRO B 78 34.76 -5.92 -18.58
CA PRO B 78 35.24 -7.26 -18.23
C PRO B 78 35.18 -7.52 -16.72
N ASP B 79 35.20 -6.50 -15.87
CA ASP B 79 35.11 -6.76 -14.40
C ASP B 79 33.70 -6.49 -13.84
N ASP B 80 32.65 -6.37 -14.68
CA ASP B 80 31.25 -6.33 -14.21
C ASP B 80 30.88 -7.68 -13.60
N THR B 81 29.98 -7.69 -12.62
CA THR B 81 29.29 -8.92 -12.18
C THR B 81 27.80 -8.76 -12.45
N TRP B 82 27.24 -9.63 -13.27
CA TRP B 82 25.84 -9.63 -13.70
C TRP B 82 25.11 -10.78 -13.03
N ILE B 83 23.93 -10.50 -12.47
CA ILE B 83 23.01 -11.57 -12.02
C ILE B 83 21.83 -11.55 -12.96
N VAL B 84 21.58 -12.69 -13.57
CA VAL B 84 20.55 -12.85 -14.61
C VAL B 84 19.62 -13.93 -14.10
N THR B 85 18.34 -13.60 -13.95
CA THR B 85 17.33 -14.54 -13.45
C THR B 85 16.00 -14.26 -14.10
N TYR B 86 15.12 -15.24 -14.15
CA TYR B 86 13.69 -14.96 -14.30
C TYR B 86 13.28 -14.31 -12.99
N PRO B 87 12.28 -13.43 -12.99
CA PRO B 87 11.84 -12.80 -11.74
C PRO B 87 11.51 -13.81 -10.62
N ARG B 88 11.87 -13.43 -9.38
CA ARG B 88 11.56 -14.18 -8.13
C ARG B 88 12.19 -15.57 -8.22
N SER B 89 13.36 -15.65 -8.81
CA SER B 89 14.19 -16.87 -8.88
C SER B 89 15.44 -16.65 -8.01
N GLY B 90 15.31 -16.00 -6.86
CA GLY B 90 16.36 -15.94 -5.83
C GLY B 90 17.29 -14.78 -6.05
N THR B 91 16.78 -13.78 -6.73
CA THR B 91 17.56 -12.66 -7.28
C THR B 91 18.17 -11.86 -6.10
N THR B 92 17.34 -11.44 -5.14
CA THR B 92 17.73 -10.49 -4.06
C THR B 92 18.76 -11.10 -3.11
N TRP B 93 18.50 -12.34 -2.72
CA TRP B 93 19.39 -13.07 -1.82
C TRP B 93 20.75 -13.25 -2.51
N SER B 94 20.75 -13.56 -3.82
CA SER B 94 21.97 -13.83 -4.61
C SER B 94 22.79 -12.52 -4.72
N GLN B 95 22.11 -11.41 -4.93
CA GLN B 95 22.73 -10.06 -5.05
C GLN B 95 23.41 -9.76 -3.73
N GLU B 96 22.73 -9.98 -2.62
CA GLU B 96 23.30 -9.66 -1.29
C GLU B 96 24.54 -10.51 -1.14
N MET B 97 24.44 -11.80 -1.42
CA MET B 97 25.60 -12.73 -1.29
C MET B 97 26.75 -12.23 -2.17
N VAL B 98 26.47 -12.00 -3.45
CA VAL B 98 27.53 -11.66 -4.44
C VAL B 98 28.16 -10.31 -4.05
N TRP B 99 27.36 -9.30 -3.69
CA TRP B 99 27.92 -7.98 -3.39
C TRP B 99 28.93 -8.15 -2.25
N LEU B 100 28.56 -8.87 -1.21
CA LEU B 100 29.45 -9.07 -0.05
C LEU B 100 30.71 -9.86 -0.42
N LEU B 101 30.61 -10.93 -1.21
CA LEU B 101 31.79 -11.73 -1.65
C LEU B 101 32.79 -10.86 -2.42
N CYS B 102 32.31 -9.85 -3.15
CA CYS B 102 33.19 -9.05 -4.02
C CYS B 102 33.62 -7.78 -3.32
N ASN B 103 33.14 -7.55 -2.09
CA ASN B 103 33.47 -6.29 -1.36
C ASN B 103 34.00 -6.62 0.04
N GLU B 104 34.80 -7.68 0.16
CA GLU B 104 35.55 -8.03 1.40
C GLU B 104 34.58 -8.20 2.57
N LEU B 105 33.40 -8.78 2.35
CA LEU B 105 32.39 -9.05 3.42
C LEU B 105 32.11 -7.77 4.21
N ASP B 106 32.07 -6.61 3.55
CA ASP B 106 31.85 -5.29 4.20
C ASP B 106 30.37 -5.14 4.55
N PHE B 107 29.94 -5.83 5.60
CA PHE B 107 28.55 -5.82 6.13
C PHE B 107 28.12 -4.40 6.49
N GLU B 108 29.05 -3.56 6.97
CA GLU B 108 28.76 -2.15 7.36
C GLU B 108 28.24 -1.39 6.16
N THR B 109 28.98 -1.41 5.05
CA THR B 109 28.60 -0.68 3.82
C THR B 109 27.35 -1.32 3.21
N ALA B 110 27.23 -2.65 3.24
CA ALA B 110 26.04 -3.34 2.71
C ALA B 110 24.80 -2.82 3.45
N LYS B 111 24.89 -2.61 4.77
CA LYS B 111 23.76 -2.14 5.62
C LYS B 111 23.39 -0.68 5.30
N SER B 112 24.38 0.20 5.10
CA SER B 112 24.15 1.67 4.99
C SER B 112 23.78 2.10 3.55
N ILE B 113 24.21 1.41 2.49
CA ILE B 113 23.79 1.74 1.10
C ILE B 113 22.69 0.75 0.68
N PRO B 114 21.54 1.19 0.13
CA PRO B 114 20.53 0.25 -0.33
C PRO B 114 21.02 -0.64 -1.50
N LEU B 115 20.56 -1.89 -1.54
CA LEU B 115 20.92 -2.88 -2.58
C LEU B 115 20.69 -2.29 -3.98
N THR B 116 19.64 -1.49 -4.15
CA THR B 116 19.25 -0.95 -5.48
C THR B 116 20.27 0.08 -5.97
N GLN B 117 21.07 0.68 -5.06
CA GLN B 117 22.20 1.57 -5.45
C GLN B 117 23.47 0.73 -5.57
N ARG B 118 23.67 -0.27 -4.73
CA ARG B 118 24.90 -1.12 -4.84
C ARG B 118 24.82 -2.05 -6.05
N PHE B 119 23.60 -2.40 -6.48
CA PHE B 119 23.38 -3.50 -7.45
C PHE B 119 22.25 -3.11 -8.38
N PRO B 120 22.44 -2.08 -9.24
CA PRO B 120 21.31 -1.51 -9.97
C PRO B 120 20.64 -2.48 -10.94
N PHE B 121 19.36 -2.27 -11.14
CA PHE B 121 18.47 -3.06 -12.03
C PHE B 121 18.42 -2.35 -13.37
N LEU B 122 19.09 -2.92 -14.38
CA LEU B 122 19.30 -2.31 -15.70
C LEU B 122 17.95 -1.85 -16.32
N GLU B 123 16.91 -2.69 -16.30
CA GLU B 123 15.72 -2.39 -17.14
C GLU B 123 14.53 -2.04 -16.26
N PHE B 124 14.73 -1.60 -15.01
CA PHE B 124 13.60 -1.24 -14.12
C PHE B 124 12.76 -0.13 -14.74
N HIS B 125 13.43 0.88 -15.30
CA HIS B 125 12.78 2.05 -15.97
C HIS B 125 11.75 1.64 -17.02
N LEU B 126 11.81 0.44 -17.61
CA LEU B 126 10.79 0.00 -18.61
C LEU B 126 9.41 -0.04 -17.97
N PHE B 127 9.34 -0.17 -16.65
CA PHE B 127 8.09 -0.55 -15.95
C PHE B 127 7.53 0.67 -15.25
N VAL B 128 8.07 1.86 -15.54
CA VAL B 128 7.46 3.13 -15.03
C VAL B 128 6.83 3.85 -16.21
N HIS B 129 5.55 3.62 -16.38
CA HIS B 129 4.72 4.23 -17.44
C HIS B 129 4.46 5.70 -17.06
N ASP B 130 4.50 6.61 -18.04
CA ASP B 130 4.35 8.08 -17.84
C ASP B 130 3.06 8.37 -17.06
N GLU B 131 1.95 7.72 -17.40
CA GLU B 131 0.63 8.00 -16.78
C GLU B 131 0.66 7.51 -15.32
N VAL B 132 1.35 6.39 -15.05
CA VAL B 132 1.45 5.84 -13.67
C VAL B 132 2.37 6.73 -12.86
N LYS B 133 3.48 7.14 -13.42
CA LYS B 133 4.43 8.03 -12.72
C LYS B 133 3.70 9.30 -12.23
N ALA B 134 2.80 9.81 -13.04
CA ALA B 134 1.99 11.03 -12.72
C ALA B 134 1.15 10.77 -11.46
N GLU B 135 0.60 9.56 -11.29
CA GLU B 135 -0.14 9.19 -10.05
C GLU B 135 0.83 9.17 -8.86
N PHE B 136 2.03 8.58 -8.99
CA PHE B 136 3.04 8.50 -7.92
C PHE B 136 3.40 9.93 -7.47
N LEU B 137 3.55 10.84 -8.43
CA LEU B 137 4.01 12.22 -8.18
C LEU B 137 2.88 12.97 -7.45
N LYS B 138 1.64 12.81 -7.91
CA LYS B 138 0.47 13.42 -7.22
C LYS B 138 0.51 13.00 -5.73
N GLU B 139 0.73 11.72 -5.46
CA GLU B 139 0.63 11.18 -4.09
C GLU B 139 1.84 11.64 -3.28
N ASN B 140 2.87 12.19 -3.90
CA ASN B 140 4.10 12.61 -3.16
C ASN B 140 4.36 14.09 -3.42
N GLU B 141 3.34 14.84 -3.84
CA GLU B 141 3.53 16.21 -4.40
C GLU B 141 4.07 17.17 -3.32
N HIS B 142 3.95 16.90 -2.03
CA HIS B 142 4.44 17.82 -0.97
C HIS B 142 5.87 17.51 -0.54
N ASP B 143 6.55 16.51 -1.14
CA ASP B 143 7.94 16.15 -0.77
C ASP B 143 8.84 16.19 -2.00
N VAL B 144 9.64 17.25 -2.12
CA VAL B 144 10.53 17.50 -3.29
C VAL B 144 11.45 16.28 -3.54
N GLU B 145 12.01 15.69 -2.48
CA GLU B 145 13.01 14.59 -2.59
C GLU B 145 12.32 13.31 -3.05
N SER B 146 11.11 13.01 -2.57
CA SER B 146 10.29 11.87 -3.07
C SER B 146 10.06 12.02 -4.56
N MET B 147 9.75 13.24 -5.01
CA MET B 147 9.44 13.50 -6.45
C MET B 147 10.68 13.26 -7.32
N LYS B 148 11.83 13.79 -6.93
CA LYS B 148 13.14 13.56 -7.62
C LYS B 148 13.42 12.06 -7.70
N PHE B 149 13.26 11.33 -6.59
CA PHE B 149 13.44 9.85 -6.51
C PHE B 149 12.56 9.17 -7.56
N ILE B 150 11.27 9.52 -7.64
CA ILE B 150 10.31 8.86 -8.59
C ILE B 150 10.76 9.15 -10.02
N GLU B 151 11.22 10.39 -10.30
CA GLU B 151 11.65 10.81 -11.65
C GLU B 151 12.86 9.98 -12.10
N GLN B 152 13.79 9.76 -11.18
CA GLN B 152 15.05 9.01 -11.43
C GLN B 152 14.73 7.52 -11.70
N LEU B 153 13.73 6.95 -11.03
CA LEU B 153 13.23 5.58 -11.34
C LEU B 153 12.91 5.41 -12.82
N SER B 154 12.33 6.42 -13.44
CA SER B 154 11.97 6.36 -14.88
C SER B 154 13.20 6.54 -15.79
N GLN B 155 14.36 6.93 -15.25
CA GLN B 155 15.63 7.09 -16.05
C GLN B 155 16.40 5.76 -16.12
N PRO B 156 17.02 5.40 -17.26
CA PRO B 156 17.86 4.20 -17.33
C PRO B 156 19.00 4.21 -16.30
N ALA B 157 19.15 3.13 -15.53
CA ALA B 157 20.28 2.82 -14.63
C ALA B 157 21.59 2.88 -15.41
N GLY B 158 21.56 2.49 -16.70
CA GLY B 158 22.70 2.57 -17.65
C GLY B 158 23.48 3.89 -17.55
N PHE B 159 22.82 5.04 -17.38
CA PHE B 159 23.50 6.37 -17.34
C PHE B 159 24.49 6.36 -16.17
N MET B 160 24.01 6.12 -14.95
CA MET B 160 24.86 6.11 -13.74
C MET B 160 25.86 4.95 -13.81
N LEU B 161 25.47 3.78 -14.35
CA LEU B 161 26.42 2.63 -14.48
C LEU B 161 27.60 3.05 -15.37
N ALA B 162 27.34 3.74 -16.48
CA ALA B 162 28.39 4.18 -17.43
C ALA B 162 29.36 5.17 -16.75
N GLU B 163 28.92 5.91 -15.73
CA GLU B 163 29.77 6.92 -15.03
C GLU B 163 30.64 6.26 -13.97
N MET B 164 30.34 5.04 -13.52
CA MET B 164 31.08 4.40 -12.41
C MET B 164 32.54 4.20 -12.81
N LYS B 165 33.41 4.33 -11.83
CA LYS B 165 34.88 4.19 -11.98
C LYS B 165 35.34 2.93 -11.22
N THR B 166 34.42 2.20 -10.60
CA THR B 166 34.75 1.01 -9.75
C THR B 166 34.05 -0.21 -10.37
N PRO B 167 34.42 -1.45 -9.99
CA PRO B 167 33.71 -2.64 -10.49
C PRO B 167 32.19 -2.55 -10.29
N ARG B 168 31.42 -2.89 -11.30
CA ARG B 168 29.95 -2.76 -11.27
C ARG B 168 29.25 -4.09 -10.98
N PHE B 169 28.07 -3.98 -10.41
CA PHE B 169 27.15 -5.08 -10.05
C PHE B 169 25.84 -4.75 -10.71
N ILE B 170 25.44 -5.57 -11.68
CA ILE B 170 24.22 -5.31 -12.48
C ILE B 170 23.24 -6.49 -12.33
N LYS B 171 22.00 -6.18 -11.97
CA LYS B 171 20.85 -7.12 -11.93
C LYS B 171 20.08 -6.99 -13.23
N THR B 172 19.62 -8.10 -13.79
CA THR B 172 18.66 -8.06 -14.92
C THR B 172 17.83 -9.33 -14.93
N HIS B 173 16.68 -9.25 -15.54
CA HIS B 173 15.86 -10.44 -15.88
C HIS B 173 15.87 -10.64 -17.38
N LEU B 174 16.65 -9.83 -18.12
CA LEU B 174 16.71 -10.01 -19.59
C LEU B 174 17.25 -11.41 -19.87
N PRO B 175 16.65 -12.17 -20.80
CA PRO B 175 17.14 -13.50 -21.15
C PRO B 175 18.48 -13.39 -21.88
N ILE B 176 19.20 -14.49 -21.96
CA ILE B 176 20.55 -14.49 -22.54
C ILE B 176 20.45 -13.80 -23.90
N SER B 177 19.46 -14.14 -24.71
CA SER B 177 19.41 -13.66 -26.12
C SER B 177 19.08 -12.17 -26.19
N LEU B 178 18.67 -11.52 -25.10
CA LEU B 178 18.39 -10.06 -25.13
C LEU B 178 19.43 -9.29 -24.33
N LEU B 179 20.44 -9.94 -23.75
CA LEU B 179 21.47 -9.19 -23.00
C LEU B 179 22.21 -8.29 -23.96
N PRO B 180 22.78 -7.16 -23.53
CA PRO B 180 23.76 -6.46 -24.36
C PRO B 180 24.79 -7.46 -24.86
N PRO B 181 25.09 -7.55 -26.16
CA PRO B 181 26.13 -8.47 -26.62
C PRO B 181 27.48 -8.20 -25.95
N SER B 182 27.76 -6.97 -25.49
CA SER B 182 29.06 -6.66 -24.83
C SER B 182 29.26 -7.52 -23.58
N VAL B 183 28.21 -8.09 -23.00
CA VAL B 183 28.34 -8.93 -21.76
C VAL B 183 29.26 -10.13 -22.08
N PHE B 184 28.95 -10.88 -23.13
CA PHE B 184 29.75 -12.04 -23.60
C PHE B 184 31.00 -11.58 -24.36
N GLU B 185 30.94 -10.54 -25.16
CA GLU B 185 32.17 -10.04 -25.83
C GLU B 185 33.24 -9.69 -24.77
N GLN B 186 32.87 -9.12 -23.62
CA GLN B 186 33.83 -8.67 -22.57
C GLN B 186 34.10 -9.81 -21.58
N LYS B 187 33.41 -10.92 -21.75
CA LYS B 187 33.42 -12.05 -20.80
C LYS B 187 33.16 -11.58 -19.37
N ALA B 188 32.17 -10.71 -19.16
CA ALA B 188 31.74 -10.33 -17.80
C ALA B 188 31.26 -11.62 -17.10
N LYS B 189 31.47 -11.71 -15.80
CA LYS B 189 30.97 -12.84 -14.99
C LYS B 189 29.45 -12.75 -14.89
N ILE B 190 28.80 -13.86 -15.11
CA ILE B 190 27.31 -13.93 -15.07
C ILE B 190 26.96 -15.04 -14.10
N ILE B 191 26.08 -14.75 -13.16
CA ILE B 191 25.44 -15.80 -12.35
C ILE B 191 24.01 -15.90 -12.83
N TYR B 192 23.62 -17.11 -13.25
CA TYR B 192 22.25 -17.41 -13.73
C TYR B 192 21.60 -18.30 -12.68
N VAL B 193 20.51 -17.85 -12.08
CA VAL B 193 19.84 -18.69 -11.06
C VAL B 193 18.50 -19.10 -11.64
N ALA B 194 18.21 -20.39 -11.59
CA ALA B 194 16.94 -20.98 -12.04
C ALA B 194 16.12 -21.45 -10.84
N ARG B 195 14.79 -21.30 -10.91
CA ARG B 195 13.90 -21.73 -9.79
C ARG B 195 12.68 -22.44 -10.38
N ASN B 196 12.21 -23.46 -9.70
CA ASN B 196 11.15 -24.35 -10.22
C ASN B 196 9.91 -23.52 -10.48
N PRO B 197 9.12 -23.85 -11.52
CA PRO B 197 8.01 -23.01 -11.93
C PRO B 197 6.88 -22.86 -10.90
N SER B 198 6.65 -23.83 -10.02
CA SER B 198 5.56 -23.74 -9.01
C SER B 198 5.85 -22.58 -8.06
N ASP B 199 7.06 -22.57 -7.51
CA ASP B 199 7.48 -21.52 -6.56
C ASP B 199 7.56 -20.20 -7.32
N VAL B 200 8.05 -20.20 -8.56
CA VAL B 200 8.14 -18.93 -9.34
C VAL B 200 6.72 -18.39 -9.60
N ALA B 201 5.77 -19.23 -10.00
CA ALA B 201 4.39 -18.79 -10.32
C ALA B 201 3.79 -18.04 -9.12
N VAL B 202 3.91 -18.59 -7.92
CA VAL B 202 3.30 -18.03 -6.69
C VAL B 202 4.07 -16.76 -6.29
N SER B 203 5.39 -16.79 -6.30
CA SER B 203 6.21 -15.62 -5.88
C SER B 203 6.04 -14.48 -6.90
N TYR B 204 5.98 -14.80 -8.18
CA TYR B 204 5.82 -13.78 -9.24
C TYR B 204 4.41 -13.17 -9.12
N TYR B 205 3.39 -13.99 -8.86
CA TYR B 205 2.02 -13.50 -8.59
C TYR B 205 2.02 -12.45 -7.44
N HIS B 206 2.66 -12.76 -6.32
CA HIS B 206 2.82 -11.79 -5.20
C HIS B 206 3.60 -10.55 -5.64
N LEU B 207 4.65 -10.71 -6.44
CA LEU B 207 5.45 -9.53 -6.93
C LEU B 207 4.48 -8.62 -7.71
N ASN B 208 3.64 -9.21 -8.57
CA ASN B 208 2.74 -8.43 -9.45
C ASN B 208 1.70 -7.68 -8.63
N ARG B 209 1.32 -8.19 -7.45
CA ARG B 209 0.41 -7.48 -6.51
C ARG B 209 1.21 -6.46 -5.68
N LEU B 210 2.46 -6.76 -5.35
CA LEU B 210 3.24 -5.90 -4.45
C LEU B 210 3.65 -4.62 -5.17
N TYR B 211 4.10 -4.68 -6.42
CA TYR B 211 4.60 -3.52 -7.18
C TYR B 211 3.46 -2.86 -7.97
N ARG B 212 3.20 -1.58 -7.70
CA ARG B 212 2.14 -0.83 -8.44
C ARG B 212 2.62 -0.53 -9.86
N THR B 213 3.91 -0.62 -10.15
CA THR B 213 4.47 -0.57 -11.51
C THR B 213 3.96 -1.74 -12.36
N GLN B 214 3.53 -2.82 -11.75
CA GLN B 214 2.81 -3.94 -12.41
C GLN B 214 1.32 -3.72 -12.26
N GLY B 215 0.85 -3.48 -11.02
CA GLY B 215 -0.54 -3.11 -10.75
C GLY B 215 -1.51 -4.25 -11.07
N TYR B 216 -1.13 -5.51 -10.88
CA TYR B 216 -2.03 -6.69 -11.05
C TYR B 216 -3.04 -6.70 -9.91
N VAL B 217 -4.32 -6.91 -10.22
CA VAL B 217 -5.46 -6.76 -9.26
C VAL B 217 -6.18 -8.11 -9.06
N GLY B 218 -5.91 -9.12 -9.89
CA GLY B 218 -6.68 -10.38 -9.91
C GLY B 218 -6.19 -11.43 -8.93
N ASP B 219 -6.66 -12.65 -9.11
CA ASP B 219 -6.27 -13.77 -8.24
C ASP B 219 -5.17 -14.61 -8.89
N PHE B 220 -4.71 -15.62 -8.16
CA PHE B 220 -3.59 -16.48 -8.58
C PHE B 220 -3.98 -17.24 -9.84
N GLU B 221 -5.18 -17.80 -9.89
CA GLU B 221 -5.51 -18.66 -11.05
C GLU B 221 -5.47 -17.80 -12.31
N THR B 222 -6.00 -16.58 -12.28
CA THR B 222 -5.92 -15.70 -13.48
C THR B 222 -4.46 -15.42 -13.80
N PHE B 223 -3.62 -15.29 -12.78
CA PHE B 223 -2.21 -14.92 -13.03
C PHE B 223 -1.48 -16.12 -13.67
N TYR B 224 -1.66 -17.29 -13.11
CA TYR B 224 -1.11 -18.56 -13.64
C TYR B 224 -1.48 -18.70 -15.12
N ASN B 225 -2.73 -18.40 -15.50
CA ASN B 225 -3.21 -18.49 -16.91
C ASN B 225 -2.37 -17.61 -17.84
N TYR B 226 -2.07 -16.38 -17.40
CA TYR B 226 -1.14 -15.47 -18.13
C TYR B 226 0.27 -16.07 -18.18
N PHE B 227 0.75 -16.52 -17.03
CA PHE B 227 2.13 -17.03 -16.84
C PHE B 227 2.34 -18.22 -17.80
N GLU B 228 1.37 -19.15 -17.82
CA GLU B 228 1.43 -20.38 -18.64
C GLU B 228 1.39 -20.02 -20.12
N LYS B 229 0.78 -18.89 -20.50
CA LYS B 229 0.73 -18.44 -21.90
C LYS B 229 1.87 -17.49 -22.24
N ASP B 230 2.83 -17.30 -21.35
CA ASP B 230 3.99 -16.42 -21.63
C ASP B 230 3.51 -14.98 -21.85
N LEU B 231 2.44 -14.56 -21.15
CA LEU B 231 1.91 -13.19 -21.22
C LEU B 231 2.23 -12.49 -19.89
N THR B 232 3.44 -12.71 -19.38
CA THR B 232 3.98 -11.97 -18.21
C THR B 232 5.35 -11.48 -18.56
N PRO B 233 5.79 -10.34 -17.99
CA PRO B 233 7.11 -9.82 -18.31
C PRO B 233 8.26 -10.82 -18.17
N TRP B 234 9.11 -10.82 -19.20
CA TRP B 234 10.34 -11.61 -19.37
C TRP B 234 10.00 -13.06 -19.68
N SER B 235 8.74 -13.46 -19.81
CA SER B 235 8.37 -14.77 -20.38
C SER B 235 8.71 -14.73 -21.87
N PRO B 236 8.90 -15.89 -22.57
CA PRO B 236 8.65 -17.24 -22.03
C PRO B 236 9.61 -17.71 -20.95
N TYR B 237 9.04 -18.18 -19.85
CA TYR B 237 9.80 -18.75 -18.71
C TYR B 237 10.70 -19.89 -19.18
N TRP B 238 10.18 -20.85 -19.95
CA TRP B 238 10.95 -22.08 -20.29
C TRP B 238 12.12 -21.70 -21.20
N GLU B 239 11.92 -20.78 -22.13
CA GLU B 239 13.02 -20.32 -23.03
C GLU B 239 14.08 -19.61 -22.17
N HIS B 240 13.70 -18.82 -21.16
CA HIS B 240 14.64 -18.11 -20.23
C HIS B 240 15.56 -19.14 -19.56
N ILE B 241 14.98 -20.17 -18.96
CA ILE B 241 15.70 -21.27 -18.26
C ILE B 241 16.62 -21.99 -19.25
N LYS B 242 16.09 -22.45 -20.37
CA LYS B 242 16.88 -23.19 -21.39
C LYS B 242 18.07 -22.38 -21.93
N GLU B 243 17.93 -21.10 -22.18
CA GLU B 243 19.08 -20.26 -22.60
C GLU B 243 20.13 -20.19 -21.49
N GLY B 244 19.73 -19.99 -20.24
CA GLY B 244 20.69 -20.03 -19.11
C GLY B 244 21.41 -21.37 -19.09
N TRP B 245 20.68 -22.47 -19.23
CA TRP B 245 21.26 -23.83 -19.13
C TRP B 245 22.28 -24.05 -20.27
N ALA B 246 21.98 -23.55 -21.47
CA ALA B 246 22.80 -23.63 -22.70
C ALA B 246 24.11 -22.85 -22.59
N GLU B 247 24.25 -21.92 -21.65
CA GLU B 247 25.51 -21.19 -21.51
C GLU B 247 26.30 -21.64 -20.29
N ARG B 248 25.79 -22.54 -19.44
CA ARG B 248 26.43 -22.78 -18.11
C ARG B 248 27.88 -23.31 -18.19
N ASP B 249 28.27 -23.88 -19.33
CA ASP B 249 29.65 -24.43 -19.55
C ASP B 249 30.67 -23.33 -19.83
N ARG B 250 30.26 -22.13 -20.21
CA ARG B 250 31.20 -21.01 -20.44
C ARG B 250 31.93 -20.68 -19.14
N GLU B 251 33.21 -20.36 -19.24
CA GLU B 251 34.04 -20.15 -18.03
C GLU B 251 33.49 -18.95 -17.22
N ASN B 252 32.79 -18.00 -17.84
CA ASN B 252 32.30 -16.74 -17.21
C ASN B 252 30.80 -16.85 -16.81
N VAL B 253 30.22 -18.06 -16.83
CA VAL B 253 28.80 -18.28 -16.41
C VAL B 253 28.73 -19.32 -15.28
N LEU B 254 28.03 -19.01 -14.20
CA LEU B 254 27.76 -19.95 -13.08
C LEU B 254 26.26 -20.15 -13.07
N PHE B 255 25.77 -21.33 -13.38
CA PHE B 255 24.33 -21.67 -13.33
C PHE B 255 24.03 -22.40 -12.02
N MET B 256 23.06 -21.96 -11.24
CA MET B 256 22.65 -22.69 -10.02
C MET B 256 21.13 -22.73 -9.93
N TYR B 257 20.60 -23.85 -9.44
CA TYR B 257 19.19 -23.98 -9.05
C TYR B 257 19.01 -23.40 -7.63
N TYR B 258 18.01 -22.55 -7.48
CA TYR B 258 17.62 -21.85 -6.23
C TYR B 258 17.56 -22.83 -5.06
N GLU B 259 16.89 -23.98 -5.23
CA GLU B 259 16.70 -24.97 -4.15
C GLU B 259 18.04 -25.63 -3.75
N ASP B 260 18.98 -25.87 -4.68
CA ASP B 260 20.36 -26.31 -4.30
C ASP B 260 21.04 -25.20 -3.49
N MET B 261 20.91 -23.96 -3.90
CA MET B 261 21.63 -22.85 -3.21
C MET B 261 21.19 -22.77 -1.76
N LYS B 262 19.86 -22.82 -1.54
CA LYS B 262 19.22 -22.65 -0.22
C LYS B 262 19.53 -23.87 0.66
N ARG B 263 19.61 -25.07 0.09
CA ARG B 263 19.81 -26.33 0.87
C ARG B 263 21.21 -26.35 1.51
N ASN B 264 22.19 -25.63 1.00
CA ASN B 264 23.57 -25.80 1.52
C ASN B 264 24.33 -24.48 1.39
N LEU B 265 24.12 -23.58 2.34
CA LEU B 265 24.68 -22.21 2.24
C LEU B 265 26.19 -22.29 2.17
N PRO B 266 26.92 -23.03 3.05
CA PRO B 266 28.38 -23.05 3.02
C PRO B 266 28.90 -23.46 1.63
N ASP B 267 28.37 -24.52 1.02
CA ASP B 267 28.81 -24.93 -0.34
C ASP B 267 28.47 -23.83 -1.35
N THR B 268 27.29 -23.23 -1.26
CA THR B 268 26.85 -22.19 -2.22
C THR B 268 27.84 -21.02 -2.13
N ILE B 269 28.13 -20.58 -0.93
CA ILE B 269 28.99 -19.39 -0.70
C ILE B 269 30.38 -19.66 -1.27
N ARG B 270 30.93 -20.85 -1.01
CA ARG B 270 32.32 -21.22 -1.44
C ARG B 270 32.41 -21.30 -2.95
N LYS B 271 31.45 -22.00 -3.54
CA LYS B 271 31.38 -22.24 -4.99
C LYS B 271 31.30 -20.89 -5.69
N THR B 272 30.46 -20.00 -5.18
CA THR B 272 30.19 -18.70 -5.79
C THR B 272 31.46 -17.87 -5.63
N ALA B 273 32.08 -17.91 -4.45
CA ALA B 273 33.32 -17.15 -4.18
C ALA B 273 34.42 -17.62 -5.15
N ALA B 274 34.60 -18.93 -5.30
CA ALA B 274 35.64 -19.51 -6.19
C ALA B 274 35.36 -19.07 -7.62
N PHE B 275 34.12 -19.12 -8.06
CA PHE B 275 33.80 -18.65 -9.43
C PHE B 275 34.18 -17.18 -9.59
N LEU B 276 33.99 -16.37 -8.56
CA LEU B 276 34.30 -14.92 -8.62
C LEU B 276 35.79 -14.65 -8.36
N GLY B 277 36.61 -15.68 -8.16
CA GLY B 277 38.07 -15.54 -7.94
C GLY B 277 38.36 -14.90 -6.60
N LYS B 278 37.53 -15.18 -5.59
CA LYS B 278 37.76 -14.72 -4.19
C LYS B 278 37.94 -15.95 -3.30
N SER B 279 38.58 -15.71 -2.16
CA SER B 279 39.19 -16.71 -1.26
C SER B 279 38.88 -16.34 0.19
N PHE B 280 38.20 -17.18 0.97
CA PHE B 280 37.76 -16.82 2.35
C PHE B 280 37.96 -17.96 3.34
N SER B 281 38.27 -17.64 4.62
CA SER B 281 38.44 -18.63 5.71
C SER B 281 37.10 -19.26 6.06
N ASP B 282 37.14 -20.34 6.84
CA ASP B 282 35.95 -21.03 7.38
C ASP B 282 35.17 -20.05 8.27
N ASP B 283 35.85 -19.15 8.97
CA ASP B 283 35.21 -18.21 9.91
C ASP B 283 34.40 -17.20 9.09
N GLN B 284 35.01 -16.64 8.04
CA GLN B 284 34.32 -15.70 7.12
C GLN B 284 33.11 -16.37 6.50
N ILE B 285 33.23 -17.59 6.01
CA ILE B 285 32.09 -18.32 5.38
C ILE B 285 30.97 -18.39 6.41
N ASP B 286 31.30 -18.64 7.68
CA ASP B 286 30.28 -18.80 8.76
C ASP B 286 29.51 -17.47 8.97
N THR B 287 30.16 -16.32 9.00
CA THR B 287 29.48 -15.01 9.13
C THR B 287 28.53 -14.83 7.94
N MET B 288 28.93 -15.27 6.75
CA MET B 288 28.10 -15.11 5.52
C MET B 288 26.89 -16.04 5.63
N CYS B 289 27.11 -17.24 6.14
CA CYS B 289 26.04 -18.23 6.32
C CYS B 289 24.98 -17.68 7.29
N THR B 290 25.39 -17.05 8.40
CA THR B 290 24.49 -16.42 9.42
C THR B 290 23.71 -15.24 8.80
N HIS B 291 24.42 -14.37 8.08
CA HIS B 291 23.86 -13.19 7.40
C HIS B 291 22.78 -13.63 6.42
N LEU B 292 22.97 -14.75 5.74
CA LEU B 292 22.10 -15.12 4.60
C LEU B 292 21.07 -16.13 5.07
N ASP B 293 21.15 -16.60 6.30
CA ASP B 293 20.18 -17.58 6.84
C ASP B 293 18.75 -17.00 6.77
N ILE B 294 17.76 -17.84 6.48
CA ILE B 294 16.30 -17.53 6.43
C ILE B 294 15.91 -16.53 7.54
N ARG B 295 16.32 -16.81 8.78
CA ARG B 295 15.88 -16.10 10.00
C ARG B 295 16.45 -14.68 10.01
N ASN B 296 17.71 -14.47 9.63
CA ASN B 296 18.34 -13.13 9.70
C ASN B 296 17.98 -12.35 8.46
N PHE B 297 18.01 -13.00 7.29
CA PHE B 297 17.68 -12.39 5.98
C PHE B 297 16.28 -11.75 5.95
N ARG B 298 15.27 -12.33 6.60
CA ARG B 298 13.91 -11.72 6.70
C ARG B 298 14.02 -10.28 7.27
N HIS B 299 14.97 -9.98 8.13
CA HIS B 299 15.14 -8.65 8.75
C HIS B 299 16.15 -7.81 7.94
N ASN B 300 16.65 -8.30 6.81
CA ASN B 300 17.56 -7.51 5.94
C ASN B 300 16.80 -6.37 5.21
N LYS B 301 17.37 -5.17 5.20
CA LYS B 301 16.89 -3.96 4.48
C LYS B 301 16.53 -4.26 3.02
N SER B 302 17.28 -5.14 2.35
CA SER B 302 17.07 -5.48 0.92
C SER B 302 15.74 -6.23 0.75
N VAL B 303 15.20 -6.81 1.83
CA VAL B 303 13.90 -7.55 1.80
C VAL B 303 12.76 -6.55 2.04
N THR B 304 12.92 -5.67 3.05
CA THR B 304 11.90 -4.69 3.53
C THR B 304 11.63 -3.64 2.44
N CYS B 305 12.69 -3.18 1.74
CA CYS B 305 12.68 -2.20 0.60
C CYS B 305 12.00 -0.90 1.04
N GLU B 306 12.52 -0.27 2.10
CA GLU B 306 11.81 0.80 2.85
C GLU B 306 11.71 2.09 2.00
N GLU B 307 12.51 2.29 0.94
CA GLU B 307 12.52 3.54 0.12
C GLU B 307 11.35 3.53 -0.88
N LEU B 308 11.20 2.42 -1.63
CA LEU B 308 10.08 2.19 -2.58
C LEU B 308 8.76 2.17 -1.79
N LYS B 309 8.79 1.68 -0.55
CA LYS B 309 7.58 1.65 0.32
C LYS B 309 7.23 3.08 0.75
N ALA B 310 8.24 3.93 1.03
CA ALA B 310 8.06 5.30 1.57
C ALA B 310 7.26 6.19 0.59
N VAL B 311 7.43 6.01 -0.72
CA VAL B 311 6.77 6.83 -1.78
C VAL B 311 5.55 6.08 -2.31
N GLY B 312 5.27 4.88 -1.77
CA GLY B 312 3.99 4.19 -1.99
C GLY B 312 3.96 3.48 -3.34
N ILE B 313 5.11 3.20 -3.97
CA ILE B 313 5.16 2.39 -5.22
C ILE B 313 4.99 0.90 -4.88
N LEU B 314 5.44 0.49 -3.70
CA LEU B 314 5.10 -0.82 -3.08
C LEU B 314 3.71 -0.71 -2.47
N ASN B 315 2.87 -1.68 -2.75
CA ASN B 315 1.52 -1.82 -2.18
C ASN B 315 1.69 -2.39 -0.75
N SER B 316 1.53 -1.54 0.27
CA SER B 316 1.79 -1.89 1.69
C SER B 316 0.77 -2.94 2.16
N GLY B 317 -0.39 -3.07 1.50
CA GLY B 317 -1.36 -4.12 1.80
C GLY B 317 -0.93 -5.51 1.35
N GLU B 318 0.24 -5.67 0.71
CA GLU B 318 0.69 -6.97 0.11
C GLU B 318 2.03 -7.41 0.73
N GLN B 319 2.34 -6.95 1.94
CA GLN B 319 3.57 -7.30 2.67
C GLN B 319 3.38 -8.61 3.45
N GLY B 320 2.18 -9.17 3.53
CA GLY B 320 1.96 -10.54 4.03
C GLY B 320 2.96 -11.52 3.46
N PHE B 321 3.12 -11.57 2.13
CA PHE B 321 3.94 -12.62 1.48
C PHE B 321 5.43 -12.36 1.75
N VAL B 322 5.88 -11.12 1.61
CA VAL B 322 7.20 -10.58 2.06
C VAL B 322 7.54 -11.14 3.47
N ARG B 323 6.70 -10.90 4.49
CA ARG B 323 7.01 -11.28 5.92
C ARG B 323 6.98 -12.81 6.11
N ASN B 324 6.07 -13.51 5.42
CA ASN B 324 5.69 -14.92 5.73
C ASN B 324 6.19 -15.93 4.70
N GLY B 325 6.30 -15.58 3.41
CA GLY B 325 6.61 -16.56 2.34
C GLY B 325 5.47 -17.56 2.18
N GLN B 326 5.71 -18.75 1.62
CA GLN B 326 4.65 -19.76 1.31
C GLN B 326 4.90 -21.07 2.06
N VAL B 327 3.85 -21.84 2.31
CA VAL B 327 3.95 -23.25 2.80
C VAL B 327 4.77 -24.03 1.76
N ARG B 328 5.91 -24.57 2.19
CA ARG B 328 6.93 -25.21 1.30
C ARG B 328 6.29 -26.37 0.54
N GLY B 329 6.35 -26.32 -0.80
CA GLY B 329 5.82 -27.34 -1.73
C GLY B 329 4.31 -27.45 -1.75
N ASN B 330 3.57 -26.51 -1.12
CA ASN B 330 2.08 -26.54 -1.10
C ASN B 330 1.51 -25.16 -0.70
N ALA B 331 1.70 -24.16 -1.54
CA ALA B 331 1.22 -22.77 -1.28
C ALA B 331 -0.29 -22.81 -1.10
N GLU B 332 -0.81 -21.96 -0.22
CA GLU B 332 -2.25 -21.69 0.01
C GLU B 332 -3.01 -21.44 -1.30
N GLU B 333 -2.40 -20.72 -2.27
CA GLU B 333 -2.99 -20.31 -3.58
C GLU B 333 -3.08 -21.51 -4.56
N MET B 334 -2.25 -22.51 -4.37
CA MET B 334 -2.13 -23.64 -5.30
C MET B 334 -3.45 -24.42 -5.23
N THR B 335 -3.94 -24.92 -6.35
CA THR B 335 -5.07 -25.88 -6.39
C THR B 335 -4.53 -27.14 -7.04
N ASP B 336 -5.24 -28.25 -6.88
CA ASP B 336 -4.89 -29.55 -7.52
C ASP B 336 -4.84 -29.34 -9.05
N ASP B 337 -5.76 -28.56 -9.59
CA ASP B 337 -5.86 -28.35 -11.05
C ASP B 337 -4.64 -27.54 -11.53
N ILE B 338 -4.26 -26.48 -10.82
CA ILE B 338 -3.08 -25.68 -11.26
C ILE B 338 -1.82 -26.54 -11.09
N LYS B 339 -1.70 -27.29 -10.01
CA LYS B 339 -0.54 -28.19 -9.81
C LYS B 339 -0.44 -29.18 -10.97
N ARG B 340 -1.55 -29.77 -11.39
CA ARG B 340 -1.56 -30.68 -12.54
C ARG B 340 -1.08 -29.93 -13.79
N ARG B 341 -1.61 -28.73 -14.04
CA ARG B 341 -1.22 -27.93 -15.23
C ARG B 341 0.27 -27.62 -15.19
N LEU B 342 0.84 -27.27 -14.03
CA LEU B 342 2.31 -27.03 -13.89
C LEU B 342 3.07 -28.29 -14.26
N ASN B 343 2.63 -29.45 -13.77
CA ASN B 343 3.31 -30.74 -14.06
C ASN B 343 3.33 -30.99 -15.56
N GLU B 344 2.21 -30.83 -16.22
CA GLU B 344 2.14 -31.08 -17.69
C GLU B 344 2.94 -30.03 -18.46
N TRP B 345 2.86 -28.77 -18.06
CA TRP B 345 3.60 -27.70 -18.73
C TRP B 345 5.10 -27.97 -18.64
N THR B 346 5.55 -28.46 -17.48
CA THR B 346 6.96 -28.82 -17.21
C THR B 346 7.37 -29.96 -18.14
N GLU B 347 6.58 -31.03 -18.17
CA GLU B 347 6.80 -32.22 -19.03
C GLU B 347 6.91 -31.79 -20.48
N ARG B 348 5.97 -31.02 -21.00
CA ARG B 348 6.01 -30.57 -22.42
C ARG B 348 7.31 -29.82 -22.69
N ASN B 349 7.75 -28.96 -21.77
CA ASN B 349 8.87 -28.04 -22.07
C ASN B 349 10.21 -28.74 -21.80
N LEU B 350 10.30 -29.69 -20.87
CA LEU B 350 11.60 -30.31 -20.46
C LEU B 350 11.81 -31.70 -21.09
N ASN B 351 10.78 -32.36 -21.64
CA ASN B 351 10.94 -33.66 -22.36
C ASN B 351 12.08 -33.51 -23.38
N GLY B 352 13.00 -34.47 -23.42
CA GLY B 352 14.14 -34.45 -24.36
C GLY B 352 15.28 -33.57 -23.90
N THR B 353 15.22 -32.97 -22.71
CA THR B 353 16.33 -32.14 -22.17
C THR B 353 16.88 -32.87 -20.95
N ASP B 354 18.01 -32.42 -20.42
CA ASP B 354 18.57 -32.93 -19.14
C ASP B 354 18.35 -31.87 -18.06
N ILE B 355 17.40 -30.97 -18.24
CA ILE B 355 17.11 -29.97 -17.17
C ILE B 355 16.22 -30.68 -16.17
N ARG B 356 16.55 -30.62 -14.89
CA ARG B 356 15.73 -31.24 -13.82
C ARG B 356 15.88 -30.42 -12.54
N PHE B 357 14.78 -29.96 -11.98
CA PHE B 357 14.78 -29.16 -10.74
C PHE B 357 15.03 -30.14 -9.58
N PRO B 358 15.82 -29.75 -8.56
CA PRO B 358 16.03 -30.56 -7.35
C PRO B 358 14.81 -31.21 -6.67
#